data_4Z0H
#
_entry.id   4Z0H
#
_cell.length_a   76.849
_cell.length_b   76.849
_cell.length_c   406.626
_cell.angle_alpha   90.000
_cell.angle_beta   90.000
_cell.angle_gamma   120.000
#
_symmetry.space_group_name_H-M   'P 61 2 2'
#
loop_
_entity.id
_entity.type
_entity.pdbx_description
1 polymer 'Glyceraldehyde-3-phosphate dehydrogenase GAPC1, cytosolic'
2 non-polymer NICOTINAMIDE-ADENINE-DINUCLEOTIDE
3 non-polymer 'SULFATE ION'
4 water water
#
_entity_poly.entity_id   1
_entity_poly.type   'polypeptide(L)'
_entity_poly.pdbx_seq_one_letter_code
;KIRIGINGFGRIGRLVARVVLQRDDVELVAVNDPFITTEYMTYMFKYDSVHGQWKHNELKIKDEKTLLFGEKPVTVFGIR
NPEDIPWAEAGADYVVESTGVFTDKDKAAAHLKGGAKKVVISAPSKDAPMFVVGVNEHEYKSDLDIVSNASCTTNCLAPL
AKVINDRFGIVEGLMTTVHSITATQKTVDGPSMKDWRGGRAASFNIIPSSTGAAKAVGKVLPALNGKLTGMSFRVPTVDV
SVVDLTVRLEKAATYDEIKKAIKEESEGKLKGILGYTEDDVVSTDFVGDNRSSIFDAKAGIALSDKFVKLVSWYDNEWGY
SSRVVDLIVHMSKA
;
_entity_poly.pdbx_strand_id   O,R
#
loop_
_chem_comp.id
_chem_comp.type
_chem_comp.name
_chem_comp.formula
NAD non-polymer NICOTINAMIDE-ADENINE-DINUCLEOTIDE 'C21 H27 N7 O14 P2'
SO4 non-polymer 'SULFATE ION' 'O4 S -2'
#
# COMPACT_ATOMS: atom_id res chain seq x y z
N ILE A 2 22.22 7.91 28.28
CA ILE A 2 21.10 8.13 27.30
C ILE A 2 20.81 6.85 26.48
N ARG A 3 20.11 5.92 27.13
CA ARG A 3 19.78 4.66 26.49
C ARG A 3 18.33 4.71 25.98
N ILE A 4 18.21 4.42 24.68
CA ILE A 4 16.95 4.59 23.97
C ILE A 4 16.45 3.28 23.46
N GLY A 5 15.14 3.05 23.68
CA GLY A 5 14.46 1.87 23.14
C GLY A 5 13.46 2.34 22.10
N ILE A 6 13.21 1.50 21.09
CA ILE A 6 12.21 1.82 20.08
C ILE A 6 11.04 0.83 20.10
N ASN A 7 9.83 1.38 20.33
CA ASN A 7 8.61 0.59 20.07
C ASN A 7 8.06 0.76 18.65
N GLY A 8 8.15 -0.32 17.89
CA GLY A 8 7.64 -0.33 16.54
C GLY A 8 8.70 0.14 15.60
N PHE A 9 9.32 -0.83 14.96
CA PHE A 9 10.41 -0.61 14.10
C PHE A 9 9.95 -0.33 12.66
N GLY A 10 9.27 0.79 12.48
CA GLY A 10 8.69 1.17 11.24
C GLY A 10 9.47 2.19 10.50
N ARG A 11 8.83 3.00 9.69
CA ARG A 11 9.58 3.98 8.95
C ARG A 11 10.35 4.82 9.99
N ILE A 12 9.59 5.46 10.86
CA ILE A 12 10.11 6.31 11.88
C ILE A 12 11.03 5.60 12.83
N GLY A 13 10.63 4.45 13.37
CA GLY A 13 11.49 3.67 14.22
C GLY A 13 12.84 3.26 13.60
N ARG A 14 12.85 2.75 12.39
CA ARG A 14 14.10 2.41 11.76
C ARG A 14 14.93 3.64 11.50
N LEU A 15 14.28 4.71 11.05
CA LEU A 15 15.00 5.91 10.74
C LEU A 15 15.59 6.50 12.02
N VAL A 16 14.83 6.43 13.08
CA VAL A 16 15.23 6.98 14.32
C VAL A 16 16.39 6.13 14.79
N ALA A 17 16.37 4.83 14.47
CA ALA A 17 17.48 4.00 14.82
C ALA A 17 18.66 4.46 14.00
N ARG A 18 18.49 4.75 12.71
CA ARG A 18 19.66 5.15 11.94
C ARG A 18 20.21 6.41 12.60
N VAL A 19 19.35 7.31 13.08
CA VAL A 19 19.83 8.54 13.62
C VAL A 19 20.50 8.26 14.92
N VAL A 20 19.89 7.47 15.76
CA VAL A 20 20.51 7.25 17.06
C VAL A 20 21.86 6.59 16.93
N LEU A 21 21.96 5.56 16.11
CA LEU A 21 23.16 4.78 16.07
C LEU A 21 24.32 5.62 15.58
N GLN A 22 23.97 6.73 14.90
CA GLN A 22 25.00 7.57 14.27
C GLN A 22 25.53 8.61 15.21
N ARG A 23 24.70 9.10 16.11
CA ARG A 23 25.11 10.10 17.08
C ARG A 23 26.03 9.43 18.10
N ASP A 24 26.88 10.23 18.74
CA ASP A 24 27.74 9.63 19.75
C ASP A 24 27.25 9.89 21.17
N ASP A 25 26.18 10.64 21.32
CA ASP A 25 25.73 11.00 22.64
C ASP A 25 24.53 10.21 23.15
N VAL A 26 24.14 9.19 22.42
CA VAL A 26 22.94 8.41 22.75
C VAL A 26 23.26 6.99 22.41
N GLU A 27 22.55 6.04 22.97
CA GLU A 27 22.69 4.67 22.48
C GLU A 27 21.41 3.86 22.38
N LEU A 28 21.40 2.95 21.39
CA LEU A 28 20.22 2.20 21.05
C LEU A 28 20.30 0.89 21.77
N VAL A 29 19.42 0.77 22.75
CA VAL A 29 19.42 -0.37 23.61
C VAL A 29 18.45 -1.50 23.15
N ALA A 30 17.16 -1.17 22.98
CA ALA A 30 16.14 -2.20 22.74
C ALA A 30 15.24 -1.83 21.60
N VAL A 31 14.94 -2.81 20.75
CA VAL A 31 13.89 -2.62 19.77
C VAL A 31 12.73 -3.60 19.98
N ASN A 32 11.50 -3.08 19.98
CA ASN A 32 10.30 -3.96 19.89
C ASN A 32 9.40 -3.92 18.64
N ASP A 33 9.15 -5.10 18.10
CA ASP A 33 8.21 -5.20 17.03
C ASP A 33 7.85 -6.65 16.80
N PRO A 34 6.60 -7.03 17.16
CA PRO A 34 6.14 -8.40 17.06
C PRO A 34 6.03 -8.90 15.62
N PHE A 35 5.86 -7.99 14.66
CA PHE A 35 5.61 -8.36 13.26
C PHE A 35 6.84 -8.58 12.42
N ILE A 36 8.01 -8.43 13.04
CA ILE A 36 9.27 -8.48 12.32
C ILE A 36 10.18 -9.37 13.14
N THR A 37 10.73 -10.43 12.52
CA THR A 37 11.62 -11.31 13.26
C THR A 37 12.98 -10.66 13.34
N THR A 38 13.78 -11.19 14.26
CA THR A 38 15.05 -10.58 14.64
C THR A 38 15.94 -10.40 13.42
N GLU A 39 16.14 -11.46 12.65
CA GLU A 39 16.89 -11.35 11.42
C GLU A 39 16.24 -10.37 10.43
N TYR A 40 14.93 -10.48 10.21
CA TYR A 40 14.23 -9.62 9.28
C TYR A 40 14.53 -8.18 9.59
N MET A 41 14.70 -7.87 10.87
CA MET A 41 14.95 -6.51 11.29
C MET A 41 16.22 -6.09 10.64
N THR A 42 17.12 -7.05 10.58
CA THR A 42 18.40 -6.84 9.99
C THR A 42 18.30 -6.35 8.58
N TYR A 43 17.38 -6.95 7.80
CA TYR A 43 17.21 -6.67 6.38
C TYR A 43 16.56 -5.28 6.17
N MET A 44 15.59 -4.98 7.04
CA MET A 44 14.78 -3.81 6.93
C MET A 44 15.59 -2.60 7.28
N PHE A 45 16.52 -2.78 8.23
CA PHE A 45 17.38 -1.70 8.69
C PHE A 45 18.41 -1.42 7.61
N LYS A 46 18.97 -2.51 7.11
CA LYS A 46 19.97 -2.35 6.11
C LYS A 46 19.50 -1.60 4.88
N TYR A 47 18.41 -2.09 4.27
CA TYR A 47 17.99 -1.52 2.97
C TYR A 47 16.85 -0.56 3.08
N ASP A 48 16.84 0.47 2.22
CA ASP A 48 15.79 1.46 2.34
C ASP A 48 15.57 2.09 1.01
N SER A 49 14.28 2.26 0.66
CA SER A 49 13.93 2.74 -0.69
C SER A 49 14.17 4.20 -0.92
N VAL A 50 14.21 4.96 0.16
CA VAL A 50 14.35 6.36 0.06
C VAL A 50 15.74 6.76 0.54
N HIS A 51 16.13 6.19 1.68
CA HIS A 51 17.32 6.64 2.35
C HIS A 51 18.59 5.88 2.06
N GLY A 52 18.55 4.82 1.28
CA GLY A 52 19.75 4.16 0.87
C GLY A 52 20.18 3.08 1.84
N GLN A 53 21.18 2.32 1.42
CA GLN A 53 21.74 1.23 2.18
C GLN A 53 22.50 1.89 3.29
N TRP A 54 22.48 1.27 4.45
CA TRP A 54 23.18 1.86 5.56
C TRP A 54 24.66 1.81 5.38
N LYS A 55 25.34 2.84 5.90
CA LYS A 55 26.78 3.06 5.62
C LYS A 55 27.81 2.74 6.74
N HIS A 56 27.40 2.13 7.84
CA HIS A 56 28.28 1.77 8.98
C HIS A 56 28.04 0.27 9.24
N ASN A 57 27.86 -0.29 10.45
CA ASN A 57 27.25 -1.70 10.41
C ASN A 57 26.46 -2.32 11.54
N GLU A 58 25.74 -3.44 11.25
CA GLU A 58 24.68 -4.03 12.15
C GLU A 58 24.03 -5.42 11.87
N LEU A 59 24.45 -6.48 12.56
CA LEU A 59 23.91 -7.80 12.25
C LEU A 59 23.34 -8.64 13.38
N LYS A 60 22.82 -9.79 12.96
CA LYS A 60 22.05 -10.67 13.81
C LYS A 60 23.05 -11.47 14.58
N ILE A 61 22.97 -11.44 15.91
CA ILE A 61 23.91 -12.23 16.67
C ILE A 61 23.30 -13.57 17.04
N LYS A 62 22.13 -13.53 17.67
CA LYS A 62 21.60 -14.74 18.24
C LYS A 62 20.16 -14.95 17.84
N ASP A 63 19.85 -16.27 17.80
CA ASP A 63 18.54 -16.77 17.23
C ASP A 63 17.38 -15.76 17.24
N GLU A 64 17.15 -15.09 18.37
CA GLU A 64 16.10 -14.10 18.36
C GLU A 64 16.25 -12.96 19.36
N LYS A 65 17.44 -12.77 19.94
CA LYS A 65 17.45 -11.83 21.05
C LYS A 65 18.36 -10.65 20.91
N THR A 66 19.27 -10.72 19.95
CA THR A 66 20.25 -9.66 19.88
C THR A 66 20.79 -9.37 18.47
N LEU A 67 20.98 -8.10 18.23
CA LEU A 67 21.67 -7.64 17.08
C LEU A 67 22.99 -6.98 17.55
N LEU A 68 23.98 -7.07 16.67
CA LEU A 68 25.27 -6.47 16.92
C LEU A 68 25.58 -5.29 15.99
N PHE A 69 25.65 -4.09 16.58
CA PHE A 69 26.12 -2.90 15.85
C PHE A 69 27.62 -2.59 16.16
N GLY A 70 28.51 -2.89 15.21
CA GLY A 70 29.93 -2.96 15.59
C GLY A 70 30.01 -3.81 16.87
N GLU A 71 30.11 -3.12 18.02
CA GLU A 71 30.29 -3.83 19.28
C GLU A 71 29.22 -3.56 20.33
N LYS A 72 28.16 -2.89 19.92
CA LYS A 72 27.07 -2.69 20.84
C LYS A 72 25.89 -3.67 20.62
N PRO A 73 25.61 -4.55 21.57
CA PRO A 73 24.39 -5.34 21.54
C PRO A 73 23.13 -4.49 21.64
N VAL A 74 22.14 -4.82 20.80
CA VAL A 74 20.74 -4.38 20.96
C VAL A 74 19.90 -5.64 21.14
N THR A 75 19.08 -5.67 22.16
CA THR A 75 18.22 -6.82 22.33
C THR A 75 16.92 -6.64 21.50
N VAL A 76 16.38 -7.75 21.03
CA VAL A 76 15.21 -7.72 20.20
C VAL A 76 14.00 -8.38 20.84
N PHE A 77 12.95 -7.59 21.01
CA PHE A 77 11.68 -8.13 21.50
C PHE A 77 10.61 -8.18 20.41
N GLY A 78 9.59 -9.01 20.70
CA GLY A 78 8.39 -9.13 19.87
C GLY A 78 7.17 -9.23 20.75
N ILE A 79 6.80 -8.11 21.36
CA ILE A 79 5.73 -8.16 22.32
C ILE A 79 4.57 -7.31 21.90
N ARG A 80 3.44 -7.97 21.84
CA ARG A 80 2.22 -7.36 21.34
C ARG A 80 1.73 -6.28 22.28
N ASN A 81 2.09 -6.36 23.53
CA ASN A 81 1.52 -5.42 24.52
C ASN A 81 2.58 -4.58 25.25
N PRO A 82 2.43 -3.24 25.21
CA PRO A 82 3.43 -2.37 25.81
C PRO A 82 3.80 -2.72 27.26
N GLU A 83 2.77 -2.77 28.13
CA GLU A 83 2.98 -3.16 29.57
C GLU A 83 3.82 -4.44 29.77
N ASP A 84 3.98 -5.23 28.72
CA ASP A 84 4.71 -6.45 28.87
C ASP A 84 6.05 -6.35 28.17
N ILE A 85 6.48 -5.12 27.91
CA ILE A 85 7.84 -4.91 27.41
C ILE A 85 8.83 -4.61 28.57
N PRO A 86 9.78 -5.52 28.82
CA PRO A 86 10.74 -5.32 29.92
C PRO A 86 11.85 -4.30 29.62
N TRP A 87 11.49 -3.07 29.23
CA TRP A 87 12.58 -2.08 28.93
C TRP A 87 13.60 -2.06 30.06
N ALA A 88 13.14 -2.35 31.28
CA ALA A 88 14.01 -2.37 32.45
C ALA A 88 15.15 -3.37 32.29
N GLU A 89 14.78 -4.63 32.00
CA GLU A 89 15.69 -5.77 32.09
C GLU A 89 16.69 -5.78 30.97
N ALA A 90 17.22 -4.58 30.66
CA ALA A 90 18.21 -4.44 29.58
C ALA A 90 18.47 -2.98 29.35
N GLY A 91 18.00 -2.16 30.27
CA GLY A 91 18.32 -0.75 30.27
C GLY A 91 17.49 -0.12 29.19
N ALA A 92 17.37 1.20 29.19
CA ALA A 92 16.55 1.93 28.21
C ALA A 92 15.55 2.69 29.01
N ASP A 93 15.99 3.90 29.37
CA ASP A 93 15.17 4.78 30.17
C ASP A 93 14.26 5.51 29.24
N TYR A 94 14.68 5.64 28.01
CA TYR A 94 13.91 6.38 27.08
C TYR A 94 13.28 5.46 26.04
N VAL A 95 11.97 5.64 25.85
CA VAL A 95 11.22 4.89 24.82
C VAL A 95 10.52 5.75 23.77
N VAL A 96 10.83 5.41 22.52
CA VAL A 96 10.17 6.04 21.41
C VAL A 96 9.01 5.14 21.04
N GLU A 97 7.81 5.68 21.20
CA GLU A 97 6.57 5.02 20.85
C GLU A 97 6.22 5.39 19.39
N SER A 98 6.56 4.48 18.48
CA SER A 98 6.39 4.82 17.09
C SER A 98 5.64 3.72 16.32
N THR A 99 4.70 3.09 17.03
CA THR A 99 3.76 2.14 16.42
C THR A 99 2.54 2.75 15.73
N GLY A 100 2.04 3.87 16.26
CA GLY A 100 0.83 4.56 15.71
C GLY A 100 -0.51 4.12 16.34
N VAL A 101 -0.45 3.05 17.10
CA VAL A 101 -1.59 2.56 17.84
C VAL A 101 -1.63 3.07 19.30
N PHE A 102 -0.54 3.63 19.82
CA PHE A 102 -0.50 3.97 21.25
C PHE A 102 -0.23 5.44 21.46
N THR A 103 -0.99 6.32 20.82
CA THR A 103 -0.73 7.69 21.04
C THR A 103 -1.46 8.25 22.26
N ASP A 104 -2.37 7.46 22.85
CA ASP A 104 -3.08 7.91 24.03
C ASP A 104 -2.11 7.80 25.17
N LYS A 105 -1.91 8.95 25.86
CA LYS A 105 -0.99 9.02 26.98
C LYS A 105 -1.25 7.85 27.93
N ASP A 106 -2.54 7.58 28.11
CA ASP A 106 -2.98 6.40 28.81
C ASP A 106 -2.37 5.09 28.28
N LYS A 107 -2.32 4.94 26.97
CA LYS A 107 -1.85 3.68 26.38
C LYS A 107 -0.31 3.57 26.33
N ALA A 108 0.34 4.72 26.10
CA ALA A 108 1.82 4.84 26.10
C ALA A 108 2.44 4.64 27.50
N ALA A 109 1.65 4.92 28.54
CA ALA A 109 2.07 4.71 29.93
C ALA A 109 2.35 3.24 30.27
N ALA A 110 1.88 2.33 29.43
CA ALA A 110 2.14 0.92 29.64
C ALA A 110 3.64 0.69 29.65
N HIS A 111 4.37 1.64 29.06
CA HIS A 111 5.84 1.65 29.02
C HIS A 111 6.51 1.96 30.37
N LEU A 112 5.84 2.74 31.20
CA LEU A 112 6.34 3.02 32.52
C LEU A 112 6.32 1.73 33.33
N LYS A 113 5.39 0.84 33.03
CA LYS A 113 5.30 -0.45 33.70
C LYS A 113 6.47 -1.37 33.41
N GLY A 114 7.04 -1.30 32.21
CA GLY A 114 8.35 -1.93 31.97
C GLY A 114 9.33 -1.03 32.71
N GLY A 115 10.63 -1.14 32.47
CA GLY A 115 11.50 -0.23 33.24
C GLY A 115 11.82 1.12 32.61
N ALA A 116 10.83 1.99 32.39
CA ALA A 116 11.12 3.12 31.52
C ALA A 116 10.81 4.46 32.12
N LYS A 117 11.82 5.31 32.15
CA LYS A 117 11.68 6.62 32.78
C LYS A 117 10.86 7.58 31.91
N LYS A 118 11.07 7.53 30.61
CA LYS A 118 10.31 8.40 29.74
C LYS A 118 9.73 7.68 28.51
N VAL A 119 8.74 8.32 27.92
CA VAL A 119 8.20 7.85 26.65
C VAL A 119 8.06 9.02 25.74
N VAL A 120 8.55 8.85 24.52
CA VAL A 120 8.30 9.87 23.49
C VAL A 120 7.39 9.30 22.43
N ILE A 121 6.20 9.86 22.28
CA ILE A 121 5.29 9.39 21.24
C ILE A 121 5.60 10.05 19.90
N SER A 122 5.69 9.20 18.88
CA SER A 122 6.16 9.68 17.64
C SER A 122 5.05 10.26 16.80
N ALA A 123 4.02 10.79 17.47
CA ALA A 123 2.85 11.34 16.81
C ALA A 123 2.17 12.32 17.77
N PRO A 124 1.12 13.03 17.32
CA PRO A 124 0.37 13.92 18.18
C PRO A 124 -0.41 13.09 19.10
N SER A 125 -0.72 13.62 20.27
CA SER A 125 -1.52 12.88 21.19
C SER A 125 -2.73 13.67 21.57
N LYS A 126 -3.82 12.98 21.80
CA LYS A 126 -5.01 13.66 22.26
C LYS A 126 -4.65 14.33 23.56
N ASP A 127 -3.92 13.60 24.39
CA ASP A 127 -3.73 13.97 25.78
C ASP A 127 -2.30 13.61 26.24
N ALA A 128 -1.32 14.37 25.77
CA ALA A 128 0.06 14.22 26.24
C ALA A 128 0.68 15.55 25.97
N PRO A 129 1.55 16.01 26.88
CA PRO A 129 2.13 17.32 26.55
C PRO A 129 2.74 17.23 25.13
N MET A 130 2.78 18.35 24.42
CA MET A 130 3.29 18.29 23.08
C MET A 130 4.43 19.26 22.87
N PHE A 131 5.57 18.75 22.41
CA PHE A 131 6.70 19.62 22.19
C PHE A 131 7.23 19.53 20.79
N VAL A 132 7.62 20.68 20.29
CA VAL A 132 8.25 20.81 19.03
C VAL A 132 9.58 21.47 19.34
N VAL A 133 10.65 20.73 19.06
CA VAL A 133 11.97 21.24 19.29
C VAL A 133 12.12 22.50 18.53
N GLY A 134 12.64 23.50 19.23
CA GLY A 134 12.97 24.78 18.65
C GLY A 134 11.87 25.75 18.90
N VAL A 135 10.78 25.29 19.47
CA VAL A 135 9.66 26.22 19.60
C VAL A 135 9.13 26.19 20.98
N ASN A 136 9.14 25.02 21.61
CA ASN A 136 8.61 25.00 22.94
C ASN A 136 9.14 23.87 23.75
N GLU A 137 10.33 23.38 23.39
CA GLU A 137 10.93 22.21 24.08
C GLU A 137 11.36 22.56 25.51
N HIS A 138 11.62 23.85 25.72
CA HIS A 138 11.92 24.35 27.04
C HIS A 138 10.78 24.40 28.00
N GLU A 139 9.55 24.50 27.48
CA GLU A 139 8.40 24.31 28.37
C GLU A 139 8.35 22.89 29.04
N TYR A 140 9.34 22.05 28.75
CA TYR A 140 9.37 20.68 29.31
C TYR A 140 9.81 20.60 30.77
N LYS A 141 9.51 19.50 31.46
CA LYS A 141 9.83 19.34 32.89
C LYS A 141 10.19 17.91 33.20
N SER A 142 11.06 17.69 34.20
CA SER A 142 11.49 16.33 34.51
C SER A 142 10.34 15.54 35.12
N ASP A 143 9.28 16.25 35.46
CA ASP A 143 8.14 15.62 36.10
C ASP A 143 7.07 15.08 35.11
N LEU A 144 7.13 15.52 33.83
CA LEU A 144 6.28 14.94 32.77
C LEU A 144 6.86 13.62 32.35
N ASP A 145 6.10 12.56 32.58
CA ASP A 145 6.51 11.17 32.31
C ASP A 145 6.48 10.79 30.80
N ILE A 146 5.41 11.18 30.13
CA ILE A 146 5.18 10.74 28.77
C ILE A 146 4.95 11.93 27.93
N VAL A 147 5.63 11.99 26.78
CA VAL A 147 5.50 13.16 25.95
C VAL A 147 5.27 12.87 24.46
N SER A 148 4.93 13.93 23.72
CA SER A 148 4.74 13.87 22.31
C SER A 148 5.62 14.84 21.51
N ASN A 149 6.19 14.36 20.38
CA ASN A 149 7.01 15.21 19.52
C ASN A 149 6.20 15.90 18.44
N ALA A 150 4.87 15.95 18.64
CA ALA A 150 3.91 16.45 17.65
C ALA A 150 3.96 15.59 16.37
N SER A 151 3.69 16.19 15.22
CA SER A 151 3.66 15.46 13.98
C SER A 151 4.62 16.15 13.06
N CYS A 152 4.91 15.50 11.95
CA CYS A 152 5.86 16.03 11.02
C CYS A 152 5.41 17.33 10.50
N THR A 153 4.09 17.47 10.30
CA THR A 153 3.58 18.73 9.73
C THR A 153 3.65 19.82 10.80
N THR A 154 3.31 19.46 12.01
CA THR A 154 3.34 20.49 13.00
C THR A 154 4.78 20.96 13.16
N ASN A 155 5.72 20.00 13.18
CA ASN A 155 7.14 20.37 13.26
C ASN A 155 7.59 21.24 12.15
N CYS A 156 7.06 21.07 10.94
CA CYS A 156 7.38 22.00 9.85
C CYS A 156 6.69 23.35 10.00
N LEU A 157 5.45 23.35 10.46
CA LEU A 157 4.67 24.57 10.59
C LEU A 157 5.05 25.54 11.76
N ALA A 158 5.13 25.00 12.97
CA ALA A 158 5.37 25.82 14.20
C ALA A 158 6.60 26.75 14.14
N PRO A 159 7.77 26.22 13.74
CA PRO A 159 8.95 27.00 13.51
C PRO A 159 8.79 28.12 12.55
N LEU A 160 8.00 27.96 11.49
CA LEU A 160 7.79 29.07 10.55
C LEU A 160 6.80 30.02 11.19
N ALA A 161 5.86 29.41 11.90
CA ALA A 161 4.72 30.09 12.51
C ALA A 161 5.17 31.00 13.64
N LYS A 162 5.92 30.40 14.56
CA LYS A 162 6.53 31.19 15.61
C LYS A 162 7.31 32.43 15.09
N VAL A 163 8.18 32.25 14.13
CA VAL A 163 8.95 33.35 13.60
C VAL A 163 8.05 34.38 12.99
N ILE A 164 7.04 33.91 12.25
CA ILE A 164 6.15 34.82 11.55
C ILE A 164 5.33 35.67 12.53
N ASN A 165 4.77 35.03 13.54
CA ASN A 165 4.02 35.76 14.49
C ASN A 165 4.88 36.55 15.45
N ASP A 166 6.06 36.02 15.83
CA ASP A 166 6.97 36.74 16.71
C ASP A 166 7.26 38.10 16.11
N ARG A 167 7.27 38.22 14.81
CA ARG A 167 7.68 39.50 14.30
C ARG A 167 6.65 40.26 13.53
N PHE A 168 5.68 39.61 12.93
CA PHE A 168 4.68 40.41 12.26
C PHE A 168 3.25 40.17 12.76
N GLY A 169 3.06 39.08 13.48
CA GLY A 169 1.80 38.79 14.11
C GLY A 169 0.90 38.13 13.07
N ILE A 170 0.12 37.15 13.48
CA ILE A 170 -0.72 36.42 12.55
C ILE A 170 -2.15 36.67 12.93
N VAL A 171 -2.90 37.31 12.06
CA VAL A 171 -4.28 37.52 12.46
C VAL A 171 -4.84 36.18 12.26
N GLU A 172 -4.72 35.68 11.03
CA GLU A 172 -5.43 34.46 10.63
C GLU A 172 -4.65 33.62 9.62
N GLY A 173 -4.73 32.30 9.80
CA GLY A 173 -3.95 31.48 8.93
C GLY A 173 -4.58 30.20 8.47
N LEU A 174 -4.41 29.91 7.19
CA LEU A 174 -4.86 28.65 6.66
C LEU A 174 -3.71 27.95 6.00
N MET A 175 -3.55 26.70 6.36
CA MET A 175 -2.46 25.92 5.83
C MET A 175 -2.99 24.75 5.01
N THR A 176 -2.32 24.52 3.91
CA THR A 176 -2.50 23.32 3.12
C THR A 176 -1.18 22.56 3.07
N THR A 177 -1.18 21.25 3.29
CA THR A 177 0.06 20.55 2.96
C THR A 177 -0.04 19.60 1.72
N VAL A 178 0.90 19.64 0.75
CA VAL A 178 1.06 18.56 -0.21
C VAL A 178 2.05 17.46 0.34
N HIS A 179 1.53 16.28 0.62
CA HIS A 179 2.22 15.37 1.43
C HIS A 179 2.39 14.01 0.82
N SER A 180 3.50 13.38 1.12
CA SER A 180 3.82 12.06 0.56
C SER A 180 3.03 11.00 1.20
N ILE A 181 2.98 9.86 0.56
CA ILE A 181 2.12 8.82 1.05
C ILE A 181 2.81 8.18 2.21
N THR A 182 2.07 7.47 3.05
CA THR A 182 2.63 6.86 4.23
C THR A 182 2.11 5.47 4.33
N ALA A 183 2.49 4.77 5.39
CA ALA A 183 2.20 3.35 5.54
C ALA A 183 0.69 3.09 5.64
N THR A 184 -0.07 4.10 6.05
CA THR A 184 -1.50 3.95 6.24
C THR A 184 -2.26 3.92 4.93
N GLN A 185 -1.63 4.25 3.84
CA GLN A 185 -2.30 4.25 2.57
C GLN A 185 -2.20 2.90 1.91
N LYS A 186 -2.81 2.76 0.72
CA LYS A 186 -2.98 1.46 0.06
C LYS A 186 -2.49 1.53 -1.32
N THR A 187 -1.94 0.43 -1.75
CA THR A 187 -1.43 0.39 -3.09
C THR A 187 -2.52 0.44 -4.12
N VAL A 188 -3.67 -0.18 -3.83
CA VAL A 188 -4.84 -0.21 -4.75
C VAL A 188 -6.08 0.13 -3.92
N ASP A 189 -7.19 0.49 -4.54
CA ASP A 189 -8.40 0.81 -3.74
C ASP A 189 -8.74 -0.28 -2.71
N GLY A 190 -8.64 0.06 -1.44
CA GLY A 190 -8.85 -0.94 -0.42
C GLY A 190 -9.66 -0.27 0.66
N PRO A 191 -10.06 -1.01 1.69
CA PRO A 191 -10.81 -0.50 2.82
C PRO A 191 -10.05 0.34 3.86
N SER A 192 -10.59 1.48 4.22
CA SER A 192 -10.10 2.25 5.34
C SER A 192 -11.25 3.03 5.94
N MET A 193 -11.88 2.38 6.90
CA MET A 193 -13.18 2.75 7.41
C MET A 193 -13.19 4.11 8.02
N LYS A 194 -12.04 4.42 8.64
CA LYS A 194 -11.84 5.68 9.36
C LYS A 194 -11.66 6.81 8.39
N ASP A 195 -11.12 6.53 7.22
CA ASP A 195 -10.99 7.58 6.23
C ASP A 195 -11.00 7.05 4.81
N TRP A 196 -12.08 7.37 4.11
CA TRP A 196 -12.42 6.69 2.86
C TRP A 196 -11.54 7.08 1.75
N ARG A 197 -11.23 8.36 1.66
CA ARG A 197 -10.35 8.82 0.62
C ARG A 197 -8.98 8.23 0.77
N GLY A 198 -8.67 7.77 1.97
CA GLY A 198 -7.45 7.07 2.25
C GLY A 198 -7.24 5.64 1.82
N GLY A 199 -8.27 4.94 1.33
CA GLY A 199 -8.08 3.60 0.77
C GLY A 199 -7.84 3.68 -0.71
N ARG A 200 -7.99 4.85 -1.31
CA ARG A 200 -7.87 4.88 -2.73
C ARG A 200 -6.39 4.67 -3.15
N ALA A 201 -6.15 4.07 -4.29
CA ALA A 201 -4.85 3.70 -4.68
C ALA A 201 -3.90 4.88 -4.58
N ALA A 202 -2.95 4.76 -3.65
CA ALA A 202 -2.11 5.93 -3.18
C ALA A 202 -1.25 6.56 -4.24
N SER A 203 -0.67 5.76 -5.13
CA SER A 203 0.28 6.38 -6.07
C SER A 203 -0.31 6.79 -7.34
N PHE A 204 -1.67 6.80 -7.39
CA PHE A 204 -2.38 7.09 -8.67
C PHE A 204 -3.37 8.18 -8.44
N ASN A 205 -3.40 8.74 -7.23
CA ASN A 205 -4.33 9.79 -6.93
C ASN A 205 -3.79 10.96 -6.13
N ILE A 206 -4.49 12.06 -6.19
CA ILE A 206 -4.29 13.10 -5.28
C ILE A 206 -5.40 12.86 -4.32
N ILE A 207 -5.11 12.62 -3.07
CA ILE A 207 -6.12 12.27 -2.14
C ILE A 207 -6.29 13.29 -1.00
N PRO A 208 -7.43 14.01 -0.95
CA PRO A 208 -7.58 14.99 0.13
C PRO A 208 -7.61 14.27 1.39
N SER A 209 -7.12 14.91 2.46
CA SER A 209 -6.85 14.18 3.69
C SER A 209 -6.87 15.15 4.81
N SER A 210 -7.14 14.67 6.00
CA SER A 210 -7.42 15.57 7.09
C SER A 210 -6.17 15.75 7.97
N THR A 211 -5.89 16.98 8.41
CA THR A 211 -4.74 17.23 9.26
C THR A 211 -5.06 18.19 10.40
N GLY A 212 -4.71 17.78 11.62
CA GLY A 212 -4.93 18.58 12.82
C GLY A 212 -3.78 19.48 13.22
N ALA A 213 -2.80 19.63 12.35
CA ALA A 213 -1.57 20.33 12.69
C ALA A 213 -1.79 21.79 12.94
N ALA A 214 -2.60 22.45 12.15
CA ALA A 214 -2.80 23.86 12.43
C ALA A 214 -3.51 24.06 13.77
N LYS A 215 -4.46 23.21 14.09
CA LYS A 215 -5.05 23.20 15.42
C LYS A 215 -4.02 22.78 16.46
N ALA A 216 -2.97 22.05 16.06
CA ALA A 216 -1.88 21.67 17.00
C ALA A 216 -0.84 22.77 17.22
N VAL A 217 -0.63 23.64 16.25
CA VAL A 217 0.30 24.69 16.44
C VAL A 217 -0.16 25.56 17.61
N GLY A 218 -1.47 25.72 17.78
CA GLY A 218 -1.97 26.45 18.92
C GLY A 218 -1.58 25.80 20.23
N LYS A 219 -1.40 24.50 20.24
CA LYS A 219 -1.24 23.83 21.51
C LYS A 219 0.25 23.62 21.89
N VAL A 220 1.14 24.32 21.16
CA VAL A 220 2.56 24.41 21.54
C VAL A 220 2.98 25.87 21.40
N LEU A 221 2.03 26.71 21.02
CA LEU A 221 2.31 28.09 20.72
C LEU A 221 1.07 28.93 20.98
N PRO A 222 0.71 29.09 22.27
CA PRO A 222 -0.61 29.59 22.64
C PRO A 222 -1.02 30.91 22.05
N ALA A 223 -0.09 31.81 21.71
CA ALA A 223 -0.50 33.09 21.05
C ALA A 223 -1.38 32.85 19.83
N LEU A 224 -1.22 31.69 19.20
CA LEU A 224 -1.82 31.39 17.91
C LEU A 224 -2.96 30.44 18.11
N ASN A 225 -3.25 30.10 19.36
CA ASN A 225 -4.31 29.15 19.58
C ASN A 225 -5.60 29.63 18.99
N GLY A 226 -6.20 28.77 18.14
CA GLY A 226 -7.40 29.07 17.36
C GLY A 226 -7.21 30.00 16.17
N LYS A 227 -5.99 30.31 15.76
CA LYS A 227 -5.79 31.28 14.68
C LYS A 227 -5.37 30.72 13.31
N LEU A 228 -5.32 29.39 13.24
CA LEU A 228 -4.98 28.67 12.02
C LEU A 228 -5.67 27.35 11.97
N THR A 229 -5.95 26.91 10.75
CA THR A 229 -6.42 25.56 10.50
C THR A 229 -5.96 25.12 9.11
N GLY A 230 -6.34 23.89 8.73
CA GLY A 230 -5.89 23.43 7.40
C GLY A 230 -6.36 22.08 6.90
N MET A 231 -5.86 21.72 5.75
CA MET A 231 -6.25 20.43 5.14
C MET A 231 -4.98 19.88 4.53
N SER A 232 -5.08 18.75 3.85
CA SER A 232 -3.92 18.19 3.22
C SER A 232 -4.26 17.52 1.88
N PHE A 233 -3.27 17.36 1.03
CA PHE A 233 -3.33 16.49 -0.12
C PHE A 233 -2.25 15.44 -0.17
N ARG A 234 -2.61 14.16 -0.08
CA ARG A 234 -1.63 13.14 -0.23
C ARG A 234 -1.41 12.93 -1.71
N VAL A 235 -0.16 12.86 -2.15
CA VAL A 235 0.20 12.75 -3.56
C VAL A 235 1.23 11.65 -3.78
N PRO A 236 1.51 11.27 -5.01
CA PRO A 236 2.29 10.05 -5.20
C PRO A 236 3.83 10.15 -5.13
N THR A 237 4.40 10.68 -4.05
CA THR A 237 5.88 10.65 -3.90
C THR A 237 6.08 9.86 -2.67
N VAL A 238 7.15 9.06 -2.67
CA VAL A 238 7.52 8.25 -1.47
C VAL A 238 7.88 9.03 -0.22
N ASP A 239 8.55 10.19 -0.39
CA ASP A 239 8.92 10.93 0.79
C ASP A 239 9.18 12.35 0.49
N VAL A 240 9.04 13.16 1.53
CA VAL A 240 9.09 14.61 1.44
C VAL A 240 7.69 15.22 1.17
N SER A 241 7.43 16.32 1.85
CA SER A 241 6.19 17.00 1.86
C SER A 241 6.47 18.49 1.89
N VAL A 242 5.44 19.30 1.64
CA VAL A 242 5.67 20.74 1.56
C VAL A 242 4.53 21.48 2.18
N VAL A 243 4.78 22.44 3.03
CA VAL A 243 3.71 23.05 3.74
C VAL A 243 3.39 24.35 3.06
N ASP A 244 2.11 24.65 3.01
CA ASP A 244 1.70 25.83 2.30
C ASP A 244 0.77 26.63 3.20
N LEU A 245 1.27 27.80 3.62
CA LEU A 245 0.59 28.57 4.61
C LEU A 245 0.19 29.89 4.08
N THR A 246 -1.13 30.09 4.09
CA THR A 246 -1.70 31.36 3.69
C THR A 246 -2.05 32.14 4.97
N VAL A 247 -1.33 33.23 5.19
CA VAL A 247 -1.56 34.03 6.41
C VAL A 247 -1.79 35.48 6.15
N ARG A 248 -2.56 36.02 7.09
CA ARG A 248 -2.90 37.43 7.17
C ARG A 248 -2.05 38.07 8.26
N LEU A 249 -1.27 39.08 7.89
CA LEU A 249 -0.32 39.67 8.84
C LEU A 249 -0.88 40.92 9.50
N GLU A 250 -0.63 41.07 10.79
CA GLU A 250 -1.00 42.30 11.52
C GLU A 250 -0.20 43.50 11.08
N LYS A 251 1.09 43.37 11.09
CA LYS A 251 1.91 44.50 10.74
C LYS A 251 2.35 44.32 9.30
N ALA A 252 2.10 45.34 8.51
CA ALA A 252 2.48 45.29 7.10
C ALA A 252 3.94 44.93 6.90
N ALA A 253 4.19 43.97 6.02
CA ALA A 253 5.57 43.58 5.67
C ALA A 253 5.73 43.19 4.20
N THR A 254 6.72 43.75 3.50
CA THR A 254 6.91 43.40 2.11
C THR A 254 7.46 41.98 2.06
N TYR A 255 7.57 41.37 0.87
CA TYR A 255 7.96 39.96 0.79
C TYR A 255 9.43 39.74 1.18
N ASP A 256 10.25 40.66 0.66
CA ASP A 256 11.68 40.71 0.96
C ASP A 256 11.91 40.86 2.45
N GLU A 257 11.11 41.65 3.12
CA GLU A 257 11.29 41.75 4.56
C GLU A 257 11.01 40.43 5.22
N ILE A 258 9.95 39.78 4.78
CA ILE A 258 9.56 38.52 5.39
C ILE A 258 10.68 37.51 5.14
N LYS A 259 11.32 37.66 3.98
CA LYS A 259 12.31 36.73 3.52
C LYS A 259 13.53 36.75 4.41
N LYS A 260 14.10 37.92 4.63
CA LYS A 260 15.28 37.98 5.46
C LYS A 260 15.00 38.06 6.94
N ALA A 261 13.78 38.29 7.35
CA ALA A 261 13.46 37.99 8.72
C ALA A 261 13.56 36.47 8.99
N ILE A 262 13.23 35.65 7.99
CA ILE A 262 13.31 34.20 8.19
C ILE A 262 14.74 33.73 7.97
N LYS A 263 15.44 34.40 7.06
CA LYS A 263 16.81 34.06 6.82
C LYS A 263 17.61 34.19 8.09
N GLU A 264 17.37 35.27 8.81
CA GLU A 264 18.05 35.55 10.06
C GLU A 264 17.84 34.46 11.05
N GLU A 265 16.59 34.15 11.36
CA GLU A 265 16.35 33.08 12.34
C GLU A 265 16.97 31.76 11.91
N SER A 266 17.11 31.55 10.59
CA SER A 266 17.64 30.28 10.11
C SER A 266 19.11 30.22 10.41
N GLU A 267 19.70 31.42 10.43
CA GLU A 267 21.07 31.56 10.84
C GLU A 267 21.27 31.66 12.36
N GLY A 268 20.23 32.12 13.07
CA GLY A 268 20.33 32.39 14.48
C GLY A 268 19.86 31.28 15.37
N LYS A 269 18.82 31.62 16.12
CA LYS A 269 18.24 30.73 17.12
C LYS A 269 17.79 29.41 16.52
N LEU A 270 17.39 29.45 15.24
CA LEU A 270 16.63 28.35 14.66
C LEU A 270 17.45 27.56 13.69
N LYS A 271 18.76 27.77 13.71
CA LYS A 271 19.62 27.03 12.83
C LYS A 271 19.48 25.56 13.18
N GLY A 272 19.31 24.74 12.15
CA GLY A 272 19.21 23.30 12.34
C GLY A 272 17.77 22.83 12.48
N ILE A 273 16.85 23.82 12.68
CA ILE A 273 15.41 23.62 12.73
C ILE A 273 14.75 24.31 11.59
N LEU A 274 15.07 25.55 11.36
CA LEU A 274 14.50 26.24 10.25
C LEU A 274 15.59 26.50 9.26
N GLY A 275 15.32 26.30 7.99
CA GLY A 275 16.30 26.49 6.96
C GLY A 275 15.72 27.58 6.08
N TYR A 276 16.51 28.06 5.12
CA TYR A 276 16.07 29.03 4.22
C TYR A 276 16.77 28.73 2.94
N THR A 277 16.06 28.80 1.80
CA THR A 277 16.69 28.65 0.56
C THR A 277 16.11 29.59 -0.49
N GLU A 278 16.89 29.93 -1.51
CA GLU A 278 16.42 30.74 -2.61
C GLU A 278 16.69 29.98 -3.88
N ASP A 279 16.96 28.69 -3.75
CA ASP A 279 17.20 27.91 -4.98
C ASP A 279 15.89 27.36 -5.55
N ASP A 280 16.00 26.77 -6.73
CA ASP A 280 14.89 26.15 -7.40
C ASP A 280 14.74 24.68 -7.03
N VAL A 281 14.45 24.46 -5.78
CA VAL A 281 14.43 23.11 -5.28
C VAL A 281 13.07 22.44 -5.60
N VAL A 282 13.03 21.11 -5.65
CA VAL A 282 11.81 20.38 -5.76
C VAL A 282 12.02 19.37 -4.68
N SER A 283 11.07 18.50 -4.38
CA SER A 283 11.12 17.74 -3.18
C SER A 283 12.25 16.70 -3.01
N THR A 284 12.76 16.16 -4.10
CA THR A 284 13.82 15.18 -3.98
C THR A 284 15.07 15.86 -3.41
N ASP A 285 15.09 17.17 -3.51
CA ASP A 285 16.19 17.93 -3.00
C ASP A 285 16.23 17.87 -1.52
N PHE A 286 15.20 17.36 -0.86
CA PHE A 286 15.17 17.38 0.58
C PHE A 286 15.15 16.03 1.15
N VAL A 287 15.35 15.01 0.33
CA VAL A 287 15.38 13.71 0.87
C VAL A 287 16.68 13.65 1.70
N GLY A 288 16.59 13.31 2.97
CA GLY A 288 17.74 13.25 3.82
C GLY A 288 18.03 14.58 4.52
N ASP A 289 17.38 15.68 4.14
CA ASP A 289 17.59 16.90 4.83
C ASP A 289 17.07 16.71 6.22
N ASN A 290 17.80 17.14 7.25
CA ASN A 290 17.39 16.84 8.62
C ASN A 290 16.86 18.06 9.35
N ARG A 291 16.64 19.16 8.66
CA ARG A 291 15.91 20.22 9.35
C ARG A 291 14.42 19.89 9.50
N SER A 292 13.78 20.60 10.42
CA SER A 292 12.35 20.56 10.63
C SER A 292 11.51 21.15 9.51
N SER A 293 12.03 22.17 8.84
CA SER A 293 11.26 23.02 8.01
C SER A 293 12.25 23.73 7.14
N ILE A 294 12.05 23.82 5.82
CA ILE A 294 12.94 24.65 5.02
C ILE A 294 12.15 25.63 4.18
N PHE A 295 12.36 26.92 4.40
CA PHE A 295 11.57 27.96 3.80
C PHE A 295 11.97 28.14 2.39
N ASP A 296 11.00 28.22 1.46
CA ASP A 296 11.30 28.23 0.07
C ASP A 296 10.96 29.59 -0.43
N ALA A 297 11.95 30.43 -0.64
CA ALA A 297 11.65 31.85 -0.85
C ALA A 297 11.01 32.11 -2.23
N LYS A 298 11.70 31.67 -3.28
CA LYS A 298 11.24 31.87 -4.60
C LYS A 298 9.84 31.29 -4.82
N ALA A 299 9.41 30.37 -3.95
CA ALA A 299 8.12 29.67 -4.16
C ALA A 299 6.92 30.48 -3.76
N GLY A 300 7.04 31.19 -2.66
CA GLY A 300 5.90 31.77 -1.98
C GLY A 300 5.43 32.94 -2.77
N ILE A 301 4.34 33.55 -2.27
CA ILE A 301 3.77 34.65 -3.00
C ILE A 301 3.01 35.56 -2.05
N ALA A 302 3.01 36.84 -2.38
CA ALA A 302 2.21 37.78 -1.62
C ALA A 302 1.20 38.49 -2.51
N LEU A 303 -0.04 38.55 -2.02
CA LEU A 303 -1.06 39.41 -2.64
C LEU A 303 -0.86 40.88 -2.22
N SER A 304 -0.89 41.11 -0.89
CA SER A 304 -0.58 42.39 -0.28
C SER A 304 0.30 42.18 0.94
N ASP A 305 0.82 43.27 1.49
CA ASP A 305 1.83 43.22 2.52
C ASP A 305 1.26 42.81 3.84
N LYS A 306 -0.01 42.43 3.86
CA LYS A 306 -0.51 41.84 5.08
C LYS A 306 -1.07 40.45 4.80
N PHE A 307 -1.11 40.12 3.51
CA PHE A 307 -1.71 38.83 3.06
C PHE A 307 -0.71 38.10 2.20
N VAL A 308 -0.32 36.91 2.64
CA VAL A 308 0.82 36.32 1.96
C VAL A 308 0.78 34.80 2.04
N LYS A 309 1.43 34.18 1.07
CA LYS A 309 1.51 32.76 1.06
C LYS A 309 2.93 32.24 1.12
N LEU A 310 3.18 31.42 2.13
CA LEU A 310 4.53 30.94 2.36
C LEU A 310 4.70 29.47 2.23
N VAL A 311 5.79 29.09 1.59
CA VAL A 311 6.03 27.69 1.28
C VAL A 311 7.28 27.21 2.02
N SER A 312 7.15 26.09 2.72
CA SER A 312 8.28 25.48 3.40
C SER A 312 8.34 23.99 3.20
N TRP A 313 9.52 23.44 2.88
CA TRP A 313 9.65 21.98 2.72
C TRP A 313 9.89 21.22 3.94
N TYR A 314 9.62 19.93 3.95
CA TYR A 314 10.14 19.09 5.03
C TYR A 314 10.24 17.67 4.65
N ASP A 315 11.25 16.99 5.13
CA ASP A 315 11.36 15.53 4.89
C ASP A 315 10.66 14.86 5.96
N ASN A 316 9.40 14.51 5.72
CA ASN A 316 8.56 14.01 6.80
C ASN A 316 9.13 12.88 7.57
N GLU A 317 9.97 12.09 6.93
CA GLU A 317 10.53 10.92 7.64
C GLU A 317 11.85 11.28 8.40
N TRP A 318 12.78 11.90 7.69
CA TRP A 318 14.10 12.13 8.22
C TRP A 318 14.19 13.34 9.12
N GLY A 319 13.55 14.41 8.78
CA GLY A 319 13.54 15.53 9.65
C GLY A 319 12.90 15.19 10.97
N TYR A 320 11.73 14.56 10.93
CA TYR A 320 10.94 14.39 12.14
C TYR A 320 11.68 13.43 13.05
N SER A 321 12.35 12.47 12.45
CA SER A 321 13.15 11.51 13.17
C SER A 321 14.38 12.10 13.90
N SER A 322 15.07 13.03 13.28
CA SER A 322 16.06 13.82 13.99
C SER A 322 15.52 14.51 15.25
N ARG A 323 14.40 15.18 15.09
CA ARG A 323 13.80 15.96 16.13
C ARG A 323 13.42 15.07 17.28
N VAL A 324 13.19 13.80 16.99
CA VAL A 324 12.74 12.98 18.07
C VAL A 324 13.97 12.82 18.94
N VAL A 325 15.10 12.53 18.30
CA VAL A 325 16.29 12.29 19.06
C VAL A 325 16.66 13.55 19.80
N ASP A 326 16.67 14.71 19.13
CA ASP A 326 16.91 15.98 19.84
C ASP A 326 16.01 16.24 21.04
N LEU A 327 14.76 15.79 21.01
CA LEU A 327 13.88 15.98 22.16
C LEU A 327 14.38 15.11 23.28
N ILE A 328 14.61 13.87 22.97
CA ILE A 328 15.06 12.95 23.98
C ILE A 328 16.36 13.44 24.72
N VAL A 329 17.30 13.97 23.95
CA VAL A 329 18.55 14.44 24.47
C VAL A 329 18.30 15.66 25.32
N HIS A 330 17.42 16.53 24.88
CA HIS A 330 17.09 17.71 25.64
C HIS A 330 16.43 17.29 26.92
N MET A 331 15.77 16.14 26.88
CA MET A 331 14.99 15.68 28.02
C MET A 331 15.99 15.34 29.12
N SER A 332 17.01 14.57 28.76
CA SER A 332 17.92 13.98 29.74
C SER A 332 18.82 15.00 30.40
N LYS A 333 18.71 16.24 29.98
CA LYS A 333 19.54 17.30 30.48
C LYS A 333 18.69 18.37 31.21
N ALA A 334 17.50 17.95 31.64
CA ALA A 334 16.46 18.86 32.15
C ALA A 334 16.56 20.24 31.43
N LYS B 1 -32.83 -17.68 -11.98
CA LYS B 1 -31.83 -18.75 -12.23
C LYS B 1 -30.42 -18.12 -12.20
N ILE B 2 -29.45 -18.93 -11.76
CA ILE B 2 -28.03 -18.56 -11.61
C ILE B 2 -27.70 -17.43 -10.63
N ARG B 3 -28.10 -17.57 -9.37
CA ARG B 3 -27.81 -16.50 -8.41
C ARG B 3 -26.37 -16.66 -7.85
N ILE B 4 -25.69 -15.53 -7.61
CA ILE B 4 -24.31 -15.59 -7.25
C ILE B 4 -24.02 -14.86 -5.98
N GLY B 5 -23.08 -15.40 -5.23
CA GLY B 5 -22.64 -14.77 -4.02
C GLY B 5 -21.14 -14.44 -4.05
N ILE B 6 -20.79 -13.32 -3.41
CA ILE B 6 -19.37 -12.91 -3.34
C ILE B 6 -18.87 -12.74 -1.95
N ASN B 7 -17.84 -13.51 -1.65
CA ASN B 7 -17.13 -13.39 -0.38
C ASN B 7 -15.84 -12.62 -0.60
N GLY B 8 -15.72 -11.47 0.03
CA GLY B 8 -14.58 -10.66 -0.33
C GLY B 8 -14.87 -9.66 -1.43
N PHE B 9 -15.44 -8.57 -1.00
CA PHE B 9 -15.65 -7.45 -1.85
C PHE B 9 -14.41 -6.57 -2.11
N GLY B 10 -13.32 -7.16 -2.63
CA GLY B 10 -12.08 -6.41 -2.94
C GLY B 10 -11.93 -6.07 -4.40
N ARG B 11 -10.74 -6.19 -4.96
CA ARG B 11 -10.56 -5.75 -6.36
C ARG B 11 -11.23 -6.71 -7.30
N ILE B 12 -10.96 -7.99 -7.10
CA ILE B 12 -11.62 -9.03 -7.84
C ILE B 12 -13.11 -9.17 -7.43
N GLY B 13 -13.43 -8.93 -6.15
CA GLY B 13 -14.77 -9.04 -5.65
C GLY B 13 -15.72 -8.06 -6.25
N ARG B 14 -15.39 -6.79 -6.19
CA ARG B 14 -16.18 -5.74 -6.73
C ARG B 14 -16.24 -5.76 -8.22
N LEU B 15 -15.22 -6.34 -8.86
CA LEU B 15 -15.15 -6.25 -10.29
C LEU B 15 -15.91 -7.38 -10.96
N VAL B 16 -15.78 -8.58 -10.42
CA VAL B 16 -16.61 -9.67 -10.83
C VAL B 16 -18.06 -9.21 -10.66
N ALA B 17 -18.37 -8.43 -9.63
CA ALA B 17 -19.70 -7.93 -9.45
C ALA B 17 -20.09 -6.89 -10.50
N ARG B 18 -19.15 -6.09 -11.01
CA ARG B 18 -19.61 -5.14 -12.02
C ARG B 18 -19.95 -6.01 -13.22
N VAL B 19 -19.39 -7.22 -13.23
CA VAL B 19 -19.61 -8.01 -14.40
C VAL B 19 -20.99 -8.73 -14.33
N VAL B 20 -21.21 -9.38 -13.21
CA VAL B 20 -22.36 -10.18 -12.96
C VAL B 20 -23.54 -9.28 -13.06
N LEU B 21 -23.42 -8.05 -12.58
CA LEU B 21 -24.47 -7.11 -12.76
C LEU B 21 -24.73 -6.65 -14.22
N GLN B 22 -23.74 -6.77 -15.11
CA GLN B 22 -23.99 -6.26 -16.47
C GLN B 22 -24.61 -7.28 -17.39
N ARG B 23 -24.31 -8.55 -17.11
CA ARG B 23 -24.94 -9.69 -17.79
C ARG B 23 -26.42 -9.94 -17.40
N ASP B 24 -27.12 -10.54 -18.39
CA ASP B 24 -28.53 -10.97 -18.24
C ASP B 24 -28.65 -12.39 -17.69
N ASP B 25 -27.72 -13.27 -18.08
CA ASP B 25 -27.74 -14.67 -17.70
C ASP B 25 -27.36 -15.00 -16.26
N VAL B 26 -27.19 -13.98 -15.41
CA VAL B 26 -26.70 -14.21 -14.05
C VAL B 26 -27.14 -13.11 -13.15
N GLU B 27 -27.33 -13.43 -11.86
CA GLU B 27 -27.77 -12.46 -10.89
C GLU B 27 -26.84 -12.37 -9.72
N LEU B 28 -26.75 -11.17 -9.13
CA LEU B 28 -26.01 -11.02 -7.92
C LEU B 28 -26.93 -11.04 -6.70
N VAL B 29 -26.76 -12.08 -5.89
CA VAL B 29 -27.63 -12.33 -4.74
C VAL B 29 -27.26 -11.59 -3.48
N ALA B 30 -25.99 -11.72 -3.08
CA ALA B 30 -25.50 -11.12 -1.83
C ALA B 30 -23.99 -10.99 -1.82
N VAL B 31 -23.54 -10.12 -0.92
CA VAL B 31 -22.10 -9.97 -0.66
C VAL B 31 -21.76 -10.08 0.80
N ASN B 32 -20.62 -10.70 1.06
CA ASN B 32 -20.01 -10.69 2.40
C ASN B 32 -18.59 -10.06 2.48
N ASP B 33 -18.45 -9.10 3.42
CA ASP B 33 -17.17 -8.58 3.76
C ASP B 33 -17.26 -7.97 5.16
N PRO B 34 -16.57 -8.60 6.14
CA PRO B 34 -16.62 -8.12 7.51
C PRO B 34 -15.94 -6.76 7.66
N PHE B 35 -15.19 -6.32 6.64
CA PHE B 35 -14.42 -5.06 6.79
C PHE B 35 -14.98 -3.89 6.09
N ILE B 36 -16.08 -4.10 5.38
CA ILE B 36 -16.77 -3.01 4.70
C ILE B 36 -18.23 -2.83 5.15
N THR B 37 -18.49 -1.66 5.67
CA THR B 37 -19.79 -1.23 6.05
C THR B 37 -20.68 -1.21 4.80
N THR B 38 -21.99 -1.40 5.00
CA THR B 38 -22.98 -1.45 3.90
C THR B 38 -22.98 -0.21 3.09
N GLU B 39 -22.97 0.93 3.74
CA GLU B 39 -22.81 2.14 2.99
C GLU B 39 -21.42 2.34 2.30
N TYR B 40 -20.36 1.81 2.90
CA TYR B 40 -19.02 1.93 2.38
C TYR B 40 -18.94 1.15 1.09
N MET B 41 -19.71 0.06 1.07
CA MET B 41 -19.76 -0.86 -0.04
C MET B 41 -20.26 -0.19 -1.30
N THR B 42 -21.22 0.70 -1.13
CA THR B 42 -21.71 1.46 -2.25
C THR B 42 -20.66 2.45 -2.73
N TYR B 43 -19.87 3.02 -1.82
CA TYR B 43 -18.79 4.00 -2.20
C TYR B 43 -17.68 3.33 -2.98
N MET B 44 -17.29 2.17 -2.51
CA MET B 44 -16.23 1.44 -3.11
C MET B 44 -16.59 0.86 -4.44
N PHE B 45 -17.84 0.38 -4.57
CA PHE B 45 -18.35 -0.14 -5.83
C PHE B 45 -18.46 1.01 -6.79
N LYS B 46 -19.05 2.08 -6.30
CA LYS B 46 -19.31 3.21 -7.21
C LYS B 46 -18.06 3.84 -7.90
N TYR B 47 -17.04 4.16 -7.11
CA TYR B 47 -15.83 4.87 -7.60
C TYR B 47 -14.64 3.92 -7.73
N ASP B 48 -13.93 4.00 -8.86
CA ASP B 48 -12.86 3.07 -9.02
C ASP B 48 -11.67 3.76 -9.71
N SER B 49 -10.46 3.59 -9.14
CA SER B 49 -9.28 4.31 -9.64
C SER B 49 -8.85 3.87 -11.01
N VAL B 50 -9.11 2.61 -11.32
CA VAL B 50 -8.70 2.07 -12.62
C VAL B 50 -9.84 2.01 -13.64
N HIS B 51 -11.03 1.56 -13.21
CA HIS B 51 -12.07 1.28 -14.12
C HIS B 51 -13.20 2.28 -14.18
N GLY B 52 -13.09 3.44 -13.52
CA GLY B 52 -14.09 4.49 -13.66
C GLY B 52 -15.30 4.30 -12.77
N GLN B 53 -16.16 5.32 -12.76
CA GLN B 53 -17.39 5.25 -12.04
C GLN B 53 -18.24 4.26 -12.75
N TRP B 54 -19.04 3.57 -12.02
CA TRP B 54 -20.02 2.66 -12.44
C TRP B 54 -21.19 3.46 -12.97
N LYS B 55 -21.65 3.09 -14.16
CA LYS B 55 -22.68 3.88 -14.84
C LYS B 55 -24.13 3.26 -15.02
N HIS B 56 -24.56 2.40 -14.12
CA HIS B 56 -25.91 1.86 -14.16
C HIS B 56 -26.44 1.70 -12.71
N ASN B 57 -27.48 2.42 -12.24
CA ASN B 57 -27.97 2.15 -10.87
C ASN B 57 -27.84 3.33 -9.89
N GLU B 58 -27.66 3.21 -8.54
CA GLU B 58 -27.47 2.03 -7.65
C GLU B 58 -27.23 2.48 -6.15
N LEU B 59 -28.06 1.99 -5.24
CA LEU B 59 -28.21 2.57 -3.91
C LEU B 59 -28.44 1.49 -2.85
N LYS B 60 -28.86 1.88 -1.64
CA LYS B 60 -29.10 0.92 -0.56
C LYS B 60 -30.35 1.26 0.20
N ILE B 61 -30.97 0.30 0.87
CA ILE B 61 -32.17 0.66 1.66
C ILE B 61 -32.12 0.29 3.12
N LYS B 62 -31.53 -0.90 3.39
CA LYS B 62 -31.67 -1.48 4.72
C LYS B 62 -30.54 -1.13 5.63
N ASP B 63 -30.97 -0.64 6.81
CA ASP B 63 -30.12 0.17 7.67
C ASP B 63 -28.71 -0.36 7.50
N GLU B 64 -28.58 -1.69 7.60
CA GLU B 64 -27.31 -2.37 7.42
C GLU B 64 -27.43 -3.51 6.42
N LYS B 65 -28.64 -3.82 5.96
CA LYS B 65 -28.83 -5.18 5.49
C LYS B 65 -28.82 -5.36 3.99
N THR B 66 -29.30 -4.34 3.28
CA THR B 66 -29.58 -4.52 1.86
C THR B 66 -29.32 -3.35 0.94
N LEU B 67 -28.79 -3.73 -0.20
CA LEU B 67 -28.31 -2.83 -1.17
C LEU B 67 -29.21 -2.99 -2.37
N LEU B 68 -29.59 -1.87 -2.97
CA LEU B 68 -30.40 -1.89 -4.19
C LEU B 68 -29.59 -1.61 -5.45
N PHE B 69 -29.48 -2.62 -6.30
CA PHE B 69 -28.71 -2.45 -7.50
C PHE B 69 -29.65 -2.29 -8.65
N GLY B 70 -29.98 -1.04 -8.93
CA GLY B 70 -31.10 -0.76 -9.79
C GLY B 70 -32.23 -1.22 -8.92
N GLU B 71 -32.94 -2.26 -9.36
CA GLU B 71 -34.12 -2.73 -8.60
C GLU B 71 -33.95 -4.07 -7.94
N LYS B 72 -33.06 -4.89 -8.53
CA LYS B 72 -32.45 -6.02 -7.79
C LYS B 72 -31.87 -5.60 -6.41
N PRO B 73 -32.26 -6.36 -5.37
CA PRO B 73 -31.72 -6.02 -4.05
C PRO B 73 -30.68 -7.05 -3.64
N VAL B 74 -29.52 -6.59 -3.16
CA VAL B 74 -28.46 -7.52 -2.77
C VAL B 74 -28.37 -7.51 -1.26
N THR B 75 -28.21 -8.70 -0.69
CA THR B 75 -28.09 -8.84 0.77
C THR B 75 -26.65 -8.72 1.17
N VAL B 76 -26.44 -7.87 2.19
CA VAL B 76 -25.12 -7.54 2.65
C VAL B 76 -24.82 -8.22 3.97
N PHE B 77 -23.72 -8.96 3.92
CA PHE B 77 -23.12 -9.62 5.06
C PHE B 77 -21.79 -9.03 5.48
N GLY B 78 -21.64 -8.85 6.78
CA GLY B 78 -20.33 -8.54 7.37
C GLY B 78 -19.97 -9.62 8.37
N ILE B 79 -19.54 -10.77 7.84
CA ILE B 79 -19.24 -11.95 8.68
C ILE B 79 -17.87 -12.61 8.42
N ARG B 80 -17.07 -12.73 9.49
CA ARG B 80 -15.67 -13.12 9.39
C ARG B 80 -15.56 -14.46 8.79
N ASN B 81 -16.30 -15.36 9.42
CA ASN B 81 -16.07 -16.78 9.37
C ASN B 81 -16.98 -17.40 8.29
N PRO B 82 -16.40 -18.17 7.37
CA PRO B 82 -17.13 -18.55 6.17
C PRO B 82 -18.36 -19.43 6.43
N GLU B 83 -18.23 -20.40 7.31
CA GLU B 83 -19.34 -21.29 7.64
C GLU B 83 -20.44 -20.58 8.38
N ASP B 84 -20.13 -19.41 8.92
CA ASP B 84 -21.16 -18.59 9.52
C ASP B 84 -21.95 -17.84 8.44
N ILE B 85 -21.60 -18.08 7.18
CA ILE B 85 -22.25 -17.40 6.08
C ILE B 85 -23.44 -18.23 5.54
N PRO B 86 -24.66 -17.77 5.89
CA PRO B 86 -25.94 -18.37 5.53
C PRO B 86 -26.27 -17.99 4.10
N TRP B 87 -25.58 -18.61 3.14
CA TRP B 87 -25.65 -18.12 1.79
C TRP B 87 -27.05 -18.43 1.23
N ALA B 88 -27.43 -19.71 1.37
CA ALA B 88 -28.72 -20.25 0.93
C ALA B 88 -29.85 -19.46 1.52
N GLU B 89 -29.76 -19.18 2.82
CA GLU B 89 -30.80 -18.35 3.42
C GLU B 89 -31.06 -17.11 2.61
N ALA B 90 -30.20 -16.79 1.65
CA ALA B 90 -30.49 -15.70 0.74
C ALA B 90 -30.17 -16.25 -0.63
N GLY B 91 -30.88 -17.32 -0.99
CA GLY B 91 -30.62 -18.11 -2.18
C GLY B 91 -29.39 -17.73 -2.99
N ALA B 92 -28.20 -18.09 -2.51
CA ALA B 92 -26.99 -17.84 -3.29
C ALA B 92 -26.32 -19.14 -3.66
N ASP B 93 -26.62 -19.61 -4.85
CA ASP B 93 -26.21 -20.95 -5.27
C ASP B 93 -24.69 -21.02 -5.57
N TYR B 94 -24.13 -19.94 -6.10
CA TYR B 94 -22.72 -19.95 -6.41
C TYR B 94 -21.98 -18.89 -5.62
N VAL B 95 -20.92 -19.32 -4.96
CA VAL B 95 -20.11 -18.41 -4.16
C VAL B 95 -18.70 -18.23 -4.73
N VAL B 96 -18.42 -16.98 -5.09
CA VAL B 96 -17.12 -16.56 -5.52
C VAL B 96 -16.23 -16.29 -4.25
N GLU B 97 -15.19 -17.10 -4.08
CA GLU B 97 -14.31 -16.91 -2.93
C GLU B 97 -13.14 -15.98 -3.37
N SER B 98 -13.28 -14.67 -3.17
CA SER B 98 -12.29 -13.72 -3.66
C SER B 98 -11.63 -13.06 -2.47
N THR B 99 -11.65 -13.72 -1.30
CA THR B 99 -11.03 -13.22 -0.06
C THR B 99 -9.47 -13.21 -0.07
N GLY B 100 -8.85 -14.19 -0.75
CA GLY B 100 -7.43 -14.35 -0.73
C GLY B 100 -6.97 -15.26 0.41
N VAL B 101 -7.81 -15.44 1.42
CA VAL B 101 -7.41 -16.21 2.58
C VAL B 101 -8.03 -17.62 2.75
N PHE B 102 -8.68 -18.17 1.71
CA PHE B 102 -9.30 -19.49 1.80
C PHE B 102 -9.13 -20.24 0.51
N THR B 103 -7.91 -20.38 0.05
CA THR B 103 -7.76 -20.99 -1.23
C THR B 103 -7.63 -22.50 -1.08
N ASP B 104 -7.86 -23.02 0.13
CA ASP B 104 -7.65 -24.47 0.35
C ASP B 104 -8.94 -25.17 0.01
N LYS B 105 -8.85 -26.35 -0.58
CA LYS B 105 -10.07 -27.07 -0.91
C LYS B 105 -10.94 -27.29 0.32
N ASP B 106 -10.35 -27.65 1.47
CA ASP B 106 -11.17 -27.83 2.67
C ASP B 106 -11.50 -26.48 3.25
N LYS B 107 -10.64 -25.55 2.95
CA LYS B 107 -10.82 -24.22 3.43
C LYS B 107 -12.03 -23.58 2.79
N ALA B 108 -12.15 -23.75 1.49
CA ALA B 108 -13.26 -23.14 0.75
C ALA B 108 -14.60 -23.78 1.13
N ALA B 109 -14.54 -25.06 1.49
CA ALA B 109 -15.70 -25.89 1.75
C ALA B 109 -16.58 -25.29 2.81
N ALA B 110 -16.01 -24.48 3.69
CA ALA B 110 -16.85 -23.87 4.73
C ALA B 110 -18.14 -23.24 4.14
N HIS B 111 -18.06 -22.87 2.85
CA HIS B 111 -19.15 -22.20 2.18
C HIS B 111 -20.34 -23.13 1.99
N LEU B 112 -20.06 -24.37 1.63
CA LEU B 112 -21.08 -25.42 1.57
C LEU B 112 -21.85 -25.58 2.87
N LYS B 113 -21.14 -25.68 4.01
CA LYS B 113 -21.90 -25.72 5.29
C LYS B 113 -22.98 -24.67 5.27
N GLY B 114 -22.67 -23.48 4.75
CA GLY B 114 -23.58 -22.30 4.78
C GLY B 114 -24.86 -22.47 3.97
N GLY B 115 -24.91 -23.56 3.23
CA GLY B 115 -26.02 -23.84 2.35
C GLY B 115 -25.71 -23.14 1.04
N ALA B 116 -24.75 -23.73 0.31
CA ALA B 116 -24.32 -23.10 -0.92
C ALA B 116 -23.74 -24.16 -1.79
N LYS B 117 -24.17 -24.14 -3.07
CA LYS B 117 -23.89 -25.31 -3.92
C LYS B 117 -22.53 -25.35 -4.59
N LYS B 118 -21.95 -24.19 -4.88
CA LYS B 118 -20.59 -24.23 -5.44
C LYS B 118 -19.78 -23.01 -5.07
N VAL B 119 -18.47 -23.21 -4.96
CA VAL B 119 -17.57 -22.15 -4.54
C VAL B 119 -16.47 -22.09 -5.55
N VAL B 120 -16.35 -20.93 -6.18
CA VAL B 120 -15.29 -20.71 -7.14
C VAL B 120 -14.28 -19.83 -6.44
N ILE B 121 -13.08 -20.36 -6.40
CA ILE B 121 -11.99 -19.66 -5.79
C ILE B 121 -11.32 -18.78 -6.82
N SER B 122 -11.34 -17.45 -6.57
CA SER B 122 -10.73 -16.57 -7.55
C SER B 122 -9.19 -16.59 -7.52
N ALA B 123 -8.58 -17.68 -7.10
CA ALA B 123 -7.14 -17.74 -6.97
C ALA B 123 -6.75 -19.19 -7.03
N PRO B 124 -5.52 -19.51 -7.46
CA PRO B 124 -5.10 -20.90 -7.56
C PRO B 124 -5.11 -21.59 -6.21
N SER B 125 -5.22 -22.93 -6.22
CA SER B 125 -5.20 -23.67 -4.99
C SER B 125 -4.18 -24.79 -4.98
N LYS B 126 -3.87 -25.24 -3.77
CA LYS B 126 -3.02 -26.41 -3.59
C LYS B 126 -3.81 -27.63 -4.00
N ASP B 127 -5.08 -27.66 -3.64
CA ASP B 127 -5.91 -28.80 -3.98
C ASP B 127 -6.96 -28.54 -5.05
N ALA B 128 -7.85 -27.56 -4.81
CA ALA B 128 -9.02 -27.42 -5.68
C ALA B 128 -8.64 -27.46 -7.16
N PRO B 129 -9.42 -28.21 -7.96
CA PRO B 129 -9.02 -28.36 -9.36
C PRO B 129 -9.02 -27.01 -10.06
N MET B 130 -8.16 -26.91 -11.04
CA MET B 130 -7.89 -25.65 -11.67
C MET B 130 -8.41 -25.74 -13.06
N PHE B 131 -9.36 -24.88 -13.39
CA PHE B 131 -9.77 -24.79 -14.78
C PHE B 131 -9.57 -23.40 -15.24
N VAL B 132 -9.00 -23.35 -16.43
CA VAL B 132 -8.85 -22.17 -17.23
C VAL B 132 -9.80 -22.23 -18.45
N VAL B 133 -10.70 -21.26 -18.51
CA VAL B 133 -11.63 -21.15 -19.61
C VAL B 133 -10.91 -21.09 -20.94
N GLY B 134 -11.35 -21.94 -21.86
CA GLY B 134 -10.83 -21.93 -23.23
C GLY B 134 -9.70 -22.88 -23.35
N VAL B 135 -9.37 -23.54 -22.25
CA VAL B 135 -8.24 -24.48 -22.24
C VAL B 135 -8.67 -25.85 -21.69
N ASN B 136 -9.49 -25.84 -20.62
CA ASN B 136 -9.84 -27.11 -20.00
C ASN B 136 -11.03 -26.99 -19.07
N GLU B 137 -11.94 -26.07 -19.39
CA GLU B 137 -13.07 -25.90 -18.50
C GLU B 137 -14.09 -27.03 -18.71
N HIS B 138 -13.85 -27.82 -19.75
CA HIS B 138 -14.72 -28.99 -20.00
C HIS B 138 -14.49 -30.13 -19.05
N GLU B 139 -13.29 -30.18 -18.44
CA GLU B 139 -13.09 -31.19 -17.39
C GLU B 139 -13.96 -30.94 -16.22
N TYR B 140 -14.56 -29.75 -16.15
CA TYR B 140 -15.52 -29.61 -15.07
C TYR B 140 -16.48 -30.82 -15.17
N LYS B 141 -16.96 -31.32 -14.05
CA LYS B 141 -17.90 -32.40 -14.02
C LYS B 141 -18.82 -32.02 -12.92
N SER B 142 -20.08 -32.43 -13.00
CA SER B 142 -21.07 -31.83 -12.14
C SER B 142 -20.86 -32.23 -10.69
N ASP B 143 -19.94 -33.16 -10.49
CA ASP B 143 -19.70 -33.68 -9.13
C ASP B 143 -18.96 -32.68 -8.25
N LEU B 144 -18.03 -31.95 -8.88
CA LEU B 144 -17.10 -31.01 -8.20
C LEU B 144 -17.84 -30.02 -7.33
N ASP B 145 -17.68 -30.22 -6.04
CA ASP B 145 -18.27 -29.36 -5.06
C ASP B 145 -17.63 -27.96 -5.10
N ILE B 146 -16.34 -27.91 -5.45
CA ILE B 146 -15.47 -26.76 -5.25
C ILE B 146 -14.43 -26.76 -6.32
N VAL B 147 -14.13 -25.57 -6.79
CA VAL B 147 -13.42 -25.35 -8.03
C VAL B 147 -12.41 -24.22 -7.82
N SER B 148 -11.42 -24.11 -8.70
CA SER B 148 -10.61 -22.89 -8.72
C SER B 148 -10.43 -22.33 -10.12
N ASN B 149 -10.62 -20.99 -10.23
CA ASN B 149 -10.44 -20.31 -11.50
C ASN B 149 -8.98 -19.90 -11.74
N ALA B 150 -8.12 -20.43 -10.87
CA ALA B 150 -6.68 -20.32 -10.99
C ALA B 150 -6.31 -18.82 -10.91
N SER B 151 -5.29 -18.40 -11.64
CA SER B 151 -4.72 -17.05 -11.44
C SER B 151 -4.82 -16.21 -12.68
N CYS B 152 -4.58 -14.92 -12.54
CA CYS B 152 -4.69 -14.04 -13.68
C CYS B 152 -3.65 -14.41 -14.66
N THR B 153 -2.49 -14.76 -14.13
CA THR B 153 -1.30 -15.00 -14.97
C THR B 153 -1.45 -16.32 -15.68
N THR B 154 -1.99 -17.31 -14.97
CA THR B 154 -2.17 -18.63 -15.61
C THR B 154 -3.20 -18.56 -16.77
N ASN B 155 -4.23 -17.72 -16.60
CA ASN B 155 -5.12 -17.38 -17.68
C ASN B 155 -4.52 -16.68 -18.84
N CYS B 156 -3.43 -15.96 -18.66
CA CYS B 156 -2.83 -15.34 -19.86
C CYS B 156 -1.93 -16.33 -20.53
N LEU B 157 -1.26 -17.15 -19.71
CA LEU B 157 -0.24 -18.01 -20.24
C LEU B 157 -0.85 -19.24 -20.97
N ALA B 158 -1.80 -19.90 -20.33
CA ALA B 158 -2.26 -21.20 -20.78
C ALA B 158 -2.80 -21.18 -22.19
N PRO B 159 -3.75 -20.26 -22.46
CA PRO B 159 -4.39 -20.14 -23.76
C PRO B 159 -3.33 -20.02 -24.77
N LEU B 160 -2.33 -19.20 -24.46
CA LEU B 160 -1.30 -18.91 -25.42
C LEU B 160 -0.39 -20.10 -25.61
N ALA B 161 -0.11 -20.77 -24.51
CA ALA B 161 0.82 -21.84 -24.50
C ALA B 161 0.26 -23.01 -25.33
N LYS B 162 -1.06 -23.25 -25.20
CA LYS B 162 -1.72 -24.28 -25.97
C LYS B 162 -1.57 -24.09 -27.49
N VAL B 163 -2.04 -22.95 -28.01
CA VAL B 163 -1.85 -22.68 -29.41
C VAL B 163 -0.43 -22.97 -29.87
N ILE B 164 0.57 -22.57 -29.06
CA ILE B 164 1.97 -22.77 -29.46
C ILE B 164 2.37 -24.26 -29.40
N ASN B 165 1.90 -24.89 -28.35
CA ASN B 165 2.13 -26.29 -28.09
C ASN B 165 1.44 -27.23 -29.09
N ASP B 166 0.20 -26.89 -29.44
CA ASP B 166 -0.67 -27.73 -30.26
C ASP B 166 -0.51 -27.33 -31.69
N ARG B 167 0.59 -26.65 -32.01
CA ARG B 167 0.84 -26.39 -33.39
C ARG B 167 2.29 -26.57 -33.69
N PHE B 168 3.14 -26.32 -32.70
CA PHE B 168 4.56 -26.60 -32.87
C PHE B 168 5.13 -27.39 -31.71
N GLY B 169 4.30 -27.64 -30.70
CA GLY B 169 4.83 -28.34 -29.50
C GLY B 169 5.92 -27.60 -28.73
N ILE B 170 5.67 -27.42 -27.44
CA ILE B 170 6.68 -26.82 -26.62
C ILE B 170 7.54 -27.93 -26.05
N VAL B 171 8.84 -27.88 -26.33
CA VAL B 171 9.77 -28.74 -25.58
C VAL B 171 10.00 -28.11 -24.21
N GLU B 172 10.80 -27.03 -24.24
CA GLU B 172 11.23 -26.31 -23.04
C GLU B 172 10.90 -24.79 -22.97
N GLY B 173 10.31 -24.38 -21.86
CA GLY B 173 9.90 -23.00 -21.76
C GLY B 173 10.05 -22.29 -20.43
N LEU B 174 10.60 -21.08 -20.51
CA LEU B 174 10.68 -20.22 -19.32
C LEU B 174 9.88 -18.91 -19.42
N MET B 175 9.16 -18.63 -18.34
CA MET B 175 8.24 -17.48 -18.27
C MET B 175 8.64 -16.38 -17.27
N THR B 176 8.66 -15.15 -17.77
CA THR B 176 8.77 -13.96 -16.92
C THR B 176 7.45 -13.16 -16.95
N THR B 177 7.04 -12.59 -15.83
CA THR B 177 5.93 -11.65 -15.97
C THR B 177 6.20 -10.27 -15.42
N VAL B 178 5.77 -9.23 -16.13
CA VAL B 178 5.94 -7.89 -15.66
C VAL B 178 4.56 -7.52 -15.15
N HIS B 179 4.44 -7.44 -13.87
CA HIS B 179 3.15 -7.40 -13.33
C HIS B 179 2.90 -6.13 -12.52
N SER B 180 1.64 -5.71 -12.52
CA SER B 180 1.17 -4.54 -11.76
C SER B 180 1.10 -4.79 -10.29
N ILE B 181 1.04 -3.75 -9.47
CA ILE B 181 0.98 -4.00 -8.02
C ILE B 181 -0.37 -4.46 -7.61
N THR B 182 -0.46 -5.08 -6.43
CA THR B 182 -1.70 -5.58 -5.97
C THR B 182 -1.76 -5.23 -4.51
N ALA B 183 -2.87 -5.66 -3.89
CA ALA B 183 -3.21 -5.26 -2.56
C ALA B 183 -2.30 -5.93 -1.56
N THR B 184 -1.54 -6.92 -1.97
CA THR B 184 -0.61 -7.57 -1.05
C THR B 184 0.68 -6.73 -0.80
N GLN B 185 0.95 -5.73 -1.64
CA GLN B 185 2.09 -4.89 -1.56
C GLN B 185 1.88 -3.71 -0.61
N LYS B 186 2.91 -2.87 -0.48
CA LYS B 186 2.95 -1.79 0.51
C LYS B 186 3.27 -0.52 -0.16
N THR B 187 2.64 0.55 0.28
CA THR B 187 2.92 1.86 -0.27
C THR B 187 4.37 2.26 0.07
N VAL B 188 4.80 1.85 1.25
CA VAL B 188 6.00 2.31 1.88
C VAL B 188 6.73 1.07 2.44
N ASP B 189 8.07 1.08 2.56
CA ASP B 189 8.79 -0.15 3.06
C ASP B 189 8.17 -0.59 4.36
N GLY B 190 7.69 -1.80 4.38
CA GLY B 190 6.93 -2.27 5.51
C GLY B 190 7.04 -3.79 5.54
N PRO B 191 6.45 -4.38 6.56
CA PRO B 191 6.68 -5.78 6.91
C PRO B 191 5.99 -6.78 5.99
N SER B 192 6.77 -7.71 5.48
CA SER B 192 6.25 -8.74 4.62
C SER B 192 6.88 -10.07 4.90
N MET B 193 6.57 -10.56 6.09
CA MET B 193 7.23 -11.73 6.72
C MET B 193 7.40 -12.94 5.78
N LYS B 194 6.38 -13.17 4.94
CA LYS B 194 6.35 -14.26 3.98
C LYS B 194 7.12 -13.92 2.72
N ASP B 195 7.21 -12.64 2.36
CA ASP B 195 7.98 -12.29 1.17
C ASP B 195 8.64 -10.90 1.28
N TRP B 196 9.94 -10.92 1.57
CA TRP B 196 10.68 -9.72 2.00
C TRP B 196 10.76 -8.64 0.97
N ARG B 197 11.06 -9.00 -0.26
CA ARG B 197 11.05 -8.01 -1.31
C ARG B 197 9.67 -7.42 -1.49
N GLY B 198 8.63 -8.19 -1.17
CA GLY B 198 7.29 -7.74 -1.36
C GLY B 198 6.82 -6.75 -0.34
N GLY B 199 7.60 -6.55 0.72
CA GLY B 199 7.33 -5.50 1.70
C GLY B 199 7.90 -4.16 1.21
N ARG B 200 8.63 -4.10 0.09
CA ARG B 200 9.32 -2.84 -0.26
C ARG B 200 8.38 -1.88 -0.97
N ALA B 201 8.60 -0.60 -0.85
CA ALA B 201 7.63 0.35 -1.32
C ALA B 201 7.30 0.04 -2.72
N ALA B 202 6.04 -0.24 -3.02
CA ALA B 202 5.63 -0.76 -4.35
C ALA B 202 5.75 0.16 -5.52
N SER B 203 5.48 1.45 -5.38
CA SER B 203 5.49 2.28 -6.61
C SER B 203 6.81 2.95 -6.93
N PHE B 204 7.81 2.55 -6.17
CA PHE B 204 9.17 3.09 -6.39
C PHE B 204 10.22 2.03 -6.57
N ASN B 205 9.85 0.76 -6.70
CA ASN B 205 10.78 -0.32 -6.96
C ASN B 205 10.33 -1.21 -8.13
N ILE B 206 11.27 -1.79 -8.85
CA ILE B 206 10.99 -2.96 -9.65
C ILE B 206 11.18 -4.11 -8.68
N ILE B 207 10.16 -4.93 -8.44
CA ILE B 207 10.27 -5.95 -7.41
C ILE B 207 10.17 -7.38 -7.94
N PRO B 208 11.29 -8.16 -7.87
CA PRO B 208 11.25 -9.64 -8.13
C PRO B 208 10.24 -10.32 -7.25
N SER B 209 9.33 -11.03 -7.89
CA SER B 209 8.29 -11.64 -7.13
C SER B 209 8.05 -13.00 -7.73
N SER B 210 7.51 -13.88 -6.90
CA SER B 210 7.45 -15.26 -7.30
C SER B 210 6.12 -15.53 -8.01
N THR B 211 6.14 -16.52 -8.89
CA THR B 211 4.88 -16.98 -9.51
C THR B 211 4.95 -18.47 -9.78
N GLY B 212 3.82 -19.15 -9.61
CA GLY B 212 3.75 -20.58 -9.97
C GLY B 212 3.11 -20.80 -11.33
N ALA B 213 2.80 -19.72 -12.02
CA ALA B 213 1.91 -19.77 -13.18
C ALA B 213 2.38 -20.77 -14.20
N ALA B 214 3.69 -20.90 -14.38
CA ALA B 214 4.19 -21.81 -15.40
C ALA B 214 3.97 -23.27 -15.01
N LYS B 215 3.98 -23.54 -13.68
CA LYS B 215 3.70 -24.91 -13.21
C LYS B 215 2.21 -25.18 -13.10
N ALA B 216 1.42 -24.17 -12.78
CA ALA B 216 -0.04 -24.35 -12.78
C ALA B 216 -0.57 -24.71 -14.17
N VAL B 217 0.10 -24.23 -15.23
CA VAL B 217 -0.26 -24.59 -16.60
C VAL B 217 -0.22 -26.10 -16.82
N GLY B 218 0.84 -26.77 -16.34
CA GLY B 218 0.88 -28.23 -16.28
C GLY B 218 -0.30 -28.88 -15.57
N LYS B 219 -0.76 -28.30 -14.47
CA LYS B 219 -1.94 -28.89 -13.80
C LYS B 219 -3.28 -28.69 -14.57
N VAL B 220 -3.36 -27.65 -15.40
CA VAL B 220 -4.56 -27.44 -16.20
C VAL B 220 -4.31 -27.91 -17.63
N LEU B 221 -3.07 -28.25 -17.91
CA LEU B 221 -2.75 -28.63 -19.27
C LEU B 221 -1.71 -29.70 -19.15
N PRO B 222 -2.15 -30.91 -18.69
CA PRO B 222 -1.19 -31.94 -18.34
C PRO B 222 -0.29 -32.32 -19.49
N ALA B 223 -0.62 -31.92 -20.71
CA ALA B 223 0.36 -32.08 -21.81
C ALA B 223 1.70 -31.43 -21.44
N LEU B 224 1.61 -30.23 -20.88
CA LEU B 224 2.75 -29.38 -20.60
C LEU B 224 3.31 -29.56 -19.20
N ASN B 225 2.61 -30.29 -18.34
CA ASN B 225 3.02 -30.44 -16.92
C ASN B 225 4.49 -30.83 -16.69
N GLY B 226 5.24 -29.93 -16.04
CA GLY B 226 6.68 -30.08 -15.90
C GLY B 226 7.57 -29.46 -16.98
N LYS B 227 7.01 -28.72 -17.94
CA LYS B 227 7.90 -28.14 -18.98
C LYS B 227 8.04 -26.61 -18.91
N LEU B 228 7.42 -26.02 -17.89
CA LEU B 228 7.44 -24.58 -17.79
C LEU B 228 7.76 -24.18 -16.37
N THR B 229 8.55 -23.12 -16.25
CA THR B 229 8.81 -22.53 -14.95
C THR B 229 8.98 -20.99 -15.13
N GLY B 230 8.75 -20.22 -14.08
CA GLY B 230 8.95 -18.77 -14.29
C GLY B 230 9.18 -17.83 -13.12
N MET B 231 9.18 -16.56 -13.46
CA MET B 231 9.26 -15.55 -12.41
C MET B 231 8.59 -14.26 -12.82
N SER B 232 8.47 -13.34 -11.87
CA SER B 232 7.86 -12.07 -12.17
C SER B 232 8.60 -10.93 -11.56
N PHE B 233 8.33 -9.75 -12.11
CA PHE B 233 8.70 -8.51 -11.49
C PHE B 233 7.48 -7.61 -11.32
N ARG B 234 7.14 -7.23 -10.08
CA ARG B 234 6.13 -6.21 -9.86
C ARG B 234 6.68 -4.83 -10.16
N VAL B 235 5.88 -3.98 -10.80
CA VAL B 235 6.38 -2.69 -11.21
C VAL B 235 5.31 -1.66 -10.97
N PRO B 236 5.68 -0.37 -10.93
CA PRO B 236 4.71 0.69 -10.51
C PRO B 236 3.59 0.98 -11.50
N THR B 237 2.77 0.01 -11.85
CA THR B 237 1.56 0.37 -12.59
C THR B 237 0.39 -0.14 -11.78
N VAL B 238 -0.72 0.60 -11.82
CA VAL B 238 -1.92 0.22 -11.03
C VAL B 238 -2.69 -1.05 -11.57
N ASP B 239 -2.75 -1.23 -12.90
CA ASP B 239 -3.42 -2.43 -13.43
C ASP B 239 -2.91 -2.76 -14.80
N VAL B 240 -2.97 -4.05 -15.12
CA VAL B 240 -2.54 -4.59 -16.42
C VAL B 240 -1.16 -5.16 -16.29
N SER B 241 -0.96 -6.38 -16.77
CA SER B 241 0.33 -7.02 -16.81
C SER B 241 0.62 -7.54 -18.16
N VAL B 242 1.79 -8.12 -18.31
CA VAL B 242 2.23 -8.65 -19.58
C VAL B 242 3.04 -9.92 -19.35
N VAL B 243 2.89 -10.88 -20.24
CA VAL B 243 3.56 -12.14 -20.04
C VAL B 243 4.66 -12.18 -21.04
N ASP B 244 5.81 -12.64 -20.56
CA ASP B 244 7.02 -12.78 -21.34
C ASP B 244 7.37 -14.26 -21.50
N LEU B 245 7.22 -14.80 -22.72
CA LEU B 245 7.36 -16.28 -22.86
C LEU B 245 8.55 -16.72 -23.69
N THR B 246 9.48 -17.44 -23.05
CA THR B 246 10.64 -17.95 -23.79
C THR B 246 10.53 -19.43 -24.04
N VAL B 247 10.30 -19.81 -25.28
CA VAL B 247 10.08 -21.24 -25.52
C VAL B 247 10.96 -21.73 -26.63
N ARG B 248 11.36 -22.99 -26.46
CA ARG B 248 11.89 -23.81 -27.56
C ARG B 248 10.86 -24.87 -28.06
N LEU B 249 10.76 -24.98 -29.38
CA LEU B 249 9.77 -25.87 -30.08
C LEU B 249 10.39 -27.00 -30.90
N GLU B 250 9.76 -28.19 -30.77
CA GLU B 250 10.03 -29.40 -31.58
C GLU B 250 9.78 -29.09 -33.05
N LYS B 251 8.61 -28.55 -33.36
CA LYS B 251 8.23 -28.20 -34.74
C LYS B 251 8.70 -26.84 -35.23
N ALA B 252 9.76 -26.82 -36.07
CA ALA B 252 10.29 -25.54 -36.63
C ALA B 252 9.21 -24.60 -37.17
N ALA B 253 9.45 -23.29 -37.05
CA ALA B 253 8.46 -22.24 -37.37
C ALA B 253 9.14 -20.92 -37.72
N THR B 254 8.38 -19.97 -38.21
CA THR B 254 8.96 -18.66 -38.44
C THR B 254 8.14 -17.80 -37.53
N TYR B 255 8.54 -16.53 -37.40
CA TYR B 255 7.77 -15.61 -36.58
C TYR B 255 6.48 -15.35 -37.32
N ASP B 256 6.57 -15.12 -38.63
CA ASP B 256 5.33 -14.97 -39.39
C ASP B 256 4.31 -16.13 -39.22
N GLU B 257 4.79 -17.38 -39.25
CA GLU B 257 3.88 -18.52 -39.14
C GLU B 257 3.28 -18.66 -37.77
N ILE B 258 4.05 -18.39 -36.74
CA ILE B 258 3.50 -18.43 -35.42
C ILE B 258 2.52 -17.24 -35.24
N LYS B 259 2.86 -16.12 -35.85
CA LYS B 259 1.95 -15.00 -35.88
C LYS B 259 0.61 -15.35 -36.55
N LYS B 260 0.66 -15.99 -37.73
CA LYS B 260 -0.56 -16.35 -38.43
C LYS B 260 -1.32 -17.36 -37.61
N ALA B 261 -0.60 -18.25 -36.95
CA ALA B 261 -1.28 -19.33 -36.26
C ALA B 261 -2.12 -18.77 -35.15
N ILE B 262 -1.61 -17.72 -34.49
CA ILE B 262 -2.25 -17.18 -33.30
C ILE B 262 -3.51 -16.44 -33.69
N LYS B 263 -3.38 -15.67 -34.76
CA LYS B 263 -4.51 -15.01 -35.34
C LYS B 263 -5.59 -16.03 -35.66
N GLU B 264 -5.23 -17.11 -36.37
CA GLU B 264 -6.24 -18.12 -36.64
C GLU B 264 -6.96 -18.50 -35.38
N GLU B 265 -6.24 -18.97 -34.39
CA GLU B 265 -6.88 -19.55 -33.24
C GLU B 265 -7.66 -18.49 -32.52
N SER B 266 -7.30 -17.24 -32.81
CA SER B 266 -7.86 -16.10 -32.17
C SER B 266 -9.32 -15.92 -32.48
N GLU B 267 -9.69 -16.11 -33.75
CA GLU B 267 -11.11 -16.17 -34.11
C GLU B 267 -11.76 -17.56 -34.03
N GLY B 268 -10.96 -18.59 -33.81
CA GLY B 268 -11.54 -19.91 -33.72
C GLY B 268 -12.10 -20.23 -32.36
N LYS B 269 -11.69 -21.38 -31.83
CA LYS B 269 -12.17 -21.82 -30.53
C LYS B 269 -11.88 -20.78 -29.45
N LEU B 270 -10.79 -20.02 -29.64
CA LEU B 270 -10.27 -19.14 -28.62
C LEU B 270 -10.59 -17.68 -28.83
N LYS B 271 -11.65 -17.38 -29.58
CA LYS B 271 -12.08 -16.02 -29.73
C LYS B 271 -12.66 -15.62 -28.39
N GLY B 272 -12.33 -14.36 -28.03
CA GLY B 272 -12.86 -13.72 -26.84
C GLY B 272 -12.06 -14.07 -25.60
N ILE B 273 -11.22 -15.11 -25.75
CA ILE B 273 -10.28 -15.60 -24.74
C ILE B 273 -8.82 -15.24 -25.07
N LEU B 274 -8.43 -15.47 -26.30
CA LEU B 274 -7.12 -15.12 -26.73
C LEU B 274 -7.28 -14.08 -27.81
N GLY B 275 -6.52 -13.00 -27.76
CA GLY B 275 -6.73 -11.90 -28.68
C GLY B 275 -5.48 -11.69 -29.48
N TYR B 276 -5.54 -10.89 -30.52
CA TYR B 276 -4.38 -10.78 -31.36
C TYR B 276 -4.32 -9.37 -31.89
N THR B 277 -3.20 -8.69 -31.65
CA THR B 277 -3.03 -7.33 -32.05
C THR B 277 -1.73 -7.20 -32.73
N GLU B 278 -1.65 -6.31 -33.71
CA GLU B 278 -0.37 -6.03 -34.31
C GLU B 278 -0.09 -4.53 -34.18
N ASP B 279 -0.77 -3.85 -33.27
CA ASP B 279 -0.58 -2.41 -33.16
C ASP B 279 0.59 -2.09 -32.21
N ASP B 280 0.87 -0.82 -32.05
CA ASP B 280 1.90 -0.39 -31.14
C ASP B 280 1.41 -0.19 -29.72
N VAL B 281 0.88 -1.25 -29.13
CA VAL B 281 0.29 -1.14 -27.81
C VAL B 281 1.22 -0.95 -26.59
N VAL B 282 0.64 -0.33 -25.54
CA VAL B 282 1.25 -0.16 -24.21
C VAL B 282 0.18 -0.49 -23.25
N SER B 283 0.51 -0.67 -21.99
CA SER B 283 -0.37 -1.32 -21.07
C SER B 283 -1.71 -0.66 -20.77
N THR B 284 -1.81 0.66 -20.84
CA THR B 284 -3.07 1.31 -20.63
C THR B 284 -4.09 0.96 -21.71
N ASP B 285 -3.62 0.43 -22.85
CA ASP B 285 -4.47 0.09 -23.96
C ASP B 285 -5.32 -1.10 -23.68
N PHE B 286 -5.09 -1.73 -22.54
CA PHE B 286 -5.70 -2.92 -22.17
C PHE B 286 -6.44 -2.83 -20.93
N VAL B 287 -6.69 -1.63 -20.48
CA VAL B 287 -7.46 -1.50 -19.27
C VAL B 287 -8.98 -1.66 -19.57
N GLY B 288 -9.60 -2.65 -18.97
CA GLY B 288 -11.01 -2.89 -19.29
C GLY B 288 -11.17 -3.83 -20.46
N ASP B 289 -10.12 -4.54 -20.81
CA ASP B 289 -10.16 -5.50 -21.87
C ASP B 289 -10.51 -6.81 -21.21
N ASN B 290 -11.60 -7.43 -21.66
CA ASN B 290 -12.14 -8.64 -21.03
C ASN B 290 -11.55 -9.94 -21.50
N ARG B 291 -10.61 -9.89 -22.43
CA ARG B 291 -10.02 -11.13 -22.91
C ARG B 291 -8.93 -11.58 -21.96
N SER B 292 -8.77 -12.89 -21.86
CA SER B 292 -7.82 -13.46 -20.92
C SER B 292 -6.37 -13.26 -21.30
N SER B 293 -6.10 -13.10 -22.57
CA SER B 293 -4.75 -13.03 -22.98
C SER B 293 -4.78 -12.33 -24.32
N ILE B 294 -3.93 -11.34 -24.52
CA ILE B 294 -3.90 -10.67 -25.81
C ILE B 294 -2.47 -10.77 -26.33
N PHE B 295 -2.29 -11.42 -27.46
CA PHE B 295 -0.98 -11.63 -27.99
C PHE B 295 -0.54 -10.40 -28.76
N ASP B 296 0.73 -10.07 -28.62
CA ASP B 296 1.25 -8.82 -29.15
C ASP B 296 2.31 -9.12 -30.18
N ALA B 297 1.96 -9.04 -31.46
CA ALA B 297 2.81 -9.60 -32.48
C ALA B 297 4.10 -8.80 -32.64
N LYS B 298 3.97 -7.49 -32.81
CA LYS B 298 5.13 -6.63 -32.96
C LYS B 298 6.12 -6.60 -31.79
N ALA B 299 5.72 -7.06 -30.60
CA ALA B 299 6.61 -6.93 -29.45
C ALA B 299 7.66 -8.02 -29.44
N GLY B 300 7.21 -9.24 -29.74
CA GLY B 300 8.02 -10.46 -29.58
C GLY B 300 9.23 -10.46 -30.47
N ILE B 301 10.10 -11.42 -30.21
CA ILE B 301 11.30 -11.59 -31.03
C ILE B 301 11.60 -13.05 -31.13
N ALA B 302 12.21 -13.42 -32.25
CA ALA B 302 12.64 -14.82 -32.49
C ALA B 302 14.16 -14.96 -32.64
N LEU B 303 14.70 -16.01 -32.03
CA LEU B 303 16.07 -16.39 -32.28
C LEU B 303 16.17 -17.37 -33.44
N SER B 304 15.53 -18.53 -33.36
CA SER B 304 15.72 -19.44 -34.48
C SER B 304 14.47 -19.49 -35.30
N ASP B 305 13.94 -20.70 -35.32
CA ASP B 305 12.59 -20.98 -35.69
C ASP B 305 12.21 -22.06 -34.69
N LYS B 306 13.14 -22.39 -33.80
CA LYS B 306 12.81 -23.27 -32.69
C LYS B 306 12.99 -22.56 -31.35
N PHE B 307 13.64 -21.40 -31.39
CA PHE B 307 13.82 -20.61 -30.18
C PHE B 307 13.18 -19.24 -30.12
N VAL B 308 12.08 -19.06 -29.41
CA VAL B 308 11.37 -17.81 -29.61
C VAL B 308 10.84 -17.18 -28.31
N LYS B 309 10.60 -15.87 -28.37
CA LYS B 309 9.99 -15.15 -27.26
C LYS B 309 8.66 -14.50 -27.61
N LEU B 310 7.66 -14.73 -26.77
CA LEU B 310 6.29 -14.41 -27.12
C LEU B 310 5.63 -13.50 -26.10
N VAL B 311 4.98 -12.45 -26.58
CA VAL B 311 4.45 -11.43 -25.66
C VAL B 311 2.95 -11.37 -25.59
N SER B 312 2.42 -11.54 -24.39
CA SER B 312 1.01 -11.43 -24.28
C SER B 312 0.58 -10.45 -23.21
N TRP B 313 -0.35 -9.58 -23.54
CA TRP B 313 -0.84 -8.60 -22.58
C TRP B 313 -2.01 -9.09 -21.78
N TYR B 314 -2.25 -8.57 -20.60
CA TYR B 314 -3.47 -8.94 -19.93
C TYR B 314 -3.86 -8.04 -18.82
N ASP B 315 -5.14 -7.76 -18.70
CA ASP B 315 -5.61 -6.92 -17.59
C ASP B 315 -5.99 -7.76 -16.40
N ASN B 316 -5.04 -7.92 -15.47
CA ASN B 316 -5.17 -8.91 -14.41
C ASN B 316 -6.44 -8.80 -13.63
N GLU B 317 -6.97 -7.60 -13.53
CA GLU B 317 -8.19 -7.45 -12.83
C GLU B 317 -9.50 -7.79 -13.63
N TRP B 318 -9.62 -7.19 -14.81
CA TRP B 318 -10.84 -7.27 -15.59
C TRP B 318 -10.92 -8.54 -16.43
N GLY B 319 -9.87 -8.95 -17.09
CA GLY B 319 -9.95 -10.18 -17.84
C GLY B 319 -10.33 -11.32 -16.87
N TYR B 320 -9.58 -11.43 -15.79
CA TYR B 320 -9.81 -12.47 -14.80
C TYR B 320 -11.21 -12.44 -14.20
N SER B 321 -11.74 -11.25 -13.97
CA SER B 321 -13.03 -11.16 -13.34
C SER B 321 -14.09 -11.60 -14.34
N SER B 322 -13.89 -11.27 -15.62
CA SER B 322 -14.75 -11.78 -16.66
C SER B 322 -14.71 -13.30 -16.68
N ARG B 323 -13.53 -13.88 -16.55
CA ARG B 323 -13.34 -15.30 -16.67
C ARG B 323 -14.04 -16.01 -15.53
N VAL B 324 -14.14 -15.36 -14.39
CA VAL B 324 -14.73 -16.08 -13.28
C VAL B 324 -16.18 -16.27 -13.61
N VAL B 325 -16.81 -15.18 -14.04
CA VAL B 325 -18.20 -15.22 -14.44
C VAL B 325 -18.44 -16.25 -15.53
N ASP B 326 -17.58 -16.28 -16.55
CA ASP B 326 -17.64 -17.27 -17.60
C ASP B 326 -17.66 -18.67 -17.05
N LEU B 327 -16.65 -19.01 -16.26
CA LEU B 327 -16.55 -20.38 -15.74
C LEU B 327 -17.76 -20.79 -14.91
N ILE B 328 -18.36 -19.84 -14.22
CA ILE B 328 -19.49 -20.17 -13.40
C ILE B 328 -20.64 -20.56 -14.31
N VAL B 329 -20.77 -19.83 -15.41
CA VAL B 329 -21.86 -20.04 -16.34
C VAL B 329 -21.81 -21.41 -16.93
N HIS B 330 -20.59 -21.87 -17.24
CA HIS B 330 -20.33 -23.17 -17.85
C HIS B 330 -20.57 -24.29 -16.87
N MET B 331 -20.42 -23.97 -15.59
CA MET B 331 -20.70 -24.98 -14.57
C MET B 331 -22.19 -25.07 -14.31
N SER B 332 -22.93 -24.02 -14.64
CA SER B 332 -24.37 -24.04 -14.47
C SER B 332 -25.03 -24.91 -15.58
N LYS B 333 -24.43 -24.90 -16.76
CA LYS B 333 -24.93 -25.68 -17.88
C LYS B 333 -24.48 -27.12 -17.79
N ALA B 334 -23.16 -27.33 -17.66
CA ALA B 334 -22.62 -28.68 -17.53
C ALA B 334 -22.70 -29.09 -16.06
PA NAD C . 4.88 2.09 9.97
O1A NAD C . 3.62 1.33 9.59
O2A NAD C . 5.95 1.82 9.02
O5B NAD C . 5.30 1.56 11.41
C5B NAD C . 4.53 0.81 12.31
C4B NAD C . 5.42 -0.21 12.92
O4B NAD C . 4.94 -0.59 14.21
C3B NAD C . 5.46 -1.46 12.10
O3B NAD C . 6.77 -1.86 11.89
C2B NAD C . 4.76 -2.50 12.95
O2B NAD C . 5.15 -3.81 12.65
C1B NAD C . 5.00 -2.02 14.36
N9A NAD C . 3.94 -2.40 15.32
C8A NAD C . 2.57 -2.39 15.17
N7A NAD C . 1.99 -2.75 16.34
C5A NAD C . 2.95 -2.97 17.24
C6A NAD C . 2.95 -3.37 18.55
N6A NAD C . 1.79 -3.48 19.24
N1A NAD C . 4.15 -3.52 19.23
C2A NAD C . 5.32 -3.27 18.59
N3A NAD C . 5.31 -2.89 17.28
C4A NAD C . 4.16 -2.74 16.61
O3 NAD C . 4.53 3.58 10.18
PN NAD C . 5.34 4.90 10.43
O1N NAD C . 5.22 5.81 9.27
O2N NAD C . 6.72 4.48 10.91
O5D NAD C . 4.59 5.74 11.54
C5D NAD C . 4.43 5.20 12.84
C4D NAD C . 4.04 6.37 13.72
O4D NAD C . 4.83 7.51 13.40
C3D NAD C . 2.61 6.81 13.52
O3D NAD C . 2.10 7.20 14.79
C2D NAD C . 2.77 7.97 12.56
O2D NAD C . 1.67 8.87 12.59
C1D NAD C . 4.07 8.61 13.06
N1N NAD C . 4.80 9.48 12.10
C2N NAD C . 5.08 9.02 10.83
C3N NAD C . 5.70 9.85 9.90
C7N NAD C . 5.92 9.48 8.44
O7N NAD C . 6.11 10.48 7.49
N7N NAD C . 6.03 8.23 8.03
C4N NAD C . 6.02 11.16 10.32
C5N NAD C . 5.73 11.61 11.61
C6N NAD C . 5.09 10.74 12.50
S SO4 D . 0.40 9.28 8.99
O1 SO4 D . -0.20 10.56 9.40
O2 SO4 D . -0.02 9.03 7.62
O3 SO4 D . 0.07 8.16 9.88
O4 SO4 D . 1.83 9.40 8.93
S SO4 E . -1.18 15.61 11.53
O1 SO4 E . -0.71 16.37 10.36
O2 SO4 E . -2.67 15.55 11.65
O3 SO4 E . -0.51 14.29 11.57
O4 SO4 E . -0.79 16.44 12.61
S SO4 F . 4.27 6.91 -10.01
O1 SO4 F . 2.98 7.09 -10.70
O2 SO4 F . 4.12 5.70 -9.19
O3 SO4 F . 5.38 6.81 -10.99
O4 SO4 F . 4.53 8.07 -9.15
PA NAD G . -8.10 -7.57 -2.05
O1A NAD G . -7.31 -7.30 -0.82
O2A NAD G . -8.27 -6.37 -2.88
O5B NAD G . -9.53 -8.08 -1.57
C5B NAD G . -9.72 -8.95 -0.48
C4B NAD G . -11.02 -8.54 0.16
O4B NAD G . -11.31 -9.53 1.11
C3B NAD G . -10.99 -7.22 0.91
O3B NAD G . -12.08 -6.38 0.60
C2B NAD G . -11.10 -7.62 2.35
O2B NAD G . -11.85 -6.70 3.05
C1B NAD G . -11.86 -8.88 2.23
N9A NAD G . -11.66 -9.83 3.31
C8A NAD G . -10.52 -10.08 4.01
N7A NAD G . -10.78 -11.04 4.93
C5A NAD G . -12.09 -11.42 4.81
C6A NAD G . -12.92 -12.35 5.46
N6A NAD G . -12.54 -13.05 6.54
N1A NAD G . -14.24 -12.45 5.06
C2A NAD G . -14.78 -11.69 4.03
N3A NAD G . -13.96 -10.79 3.41
C4A NAD G . -12.64 -10.64 3.78
O3 NAD G . -7.53 -8.75 -2.90
PN NAD G . -7.81 -9.08 -4.42
O1N NAD G . -6.79 -8.62 -5.35
O2N NAD G . -9.23 -8.69 -4.69
O5D NAD G . -7.52 -10.62 -4.46
C5D NAD G . -8.34 -11.52 -3.74
C4D NAD G . -7.94 -12.87 -4.31
O4D NAD G . -7.92 -12.72 -5.72
C3D NAD G . -6.54 -13.31 -3.96
O3D NAD G . -6.66 -14.68 -3.65
C2D NAD G . -5.71 -13.06 -5.23
O2D NAD G . -4.72 -14.02 -5.47
C1D NAD G . -6.76 -13.20 -6.33
N1N NAD G . -6.54 -12.45 -7.56
C2N NAD G . -6.35 -11.12 -7.50
C3N NAD G . -6.14 -10.41 -8.67
C7N NAD G . -5.73 -8.99 -8.71
O7N NAD G . -4.99 -8.60 -9.83
N7N NAD G . -6.06 -8.15 -7.79
C4N NAD G . -6.13 -11.05 -9.90
C5N NAD G . -6.34 -12.43 -9.92
C6N NAD G . -6.54 -13.11 -8.73
S SO4 H . -1.73 -11.18 -5.66
O1 SO4 H . -2.76 -10.19 -5.26
O2 SO4 H . -1.86 -11.36 -7.10
O3 SO4 H . -1.85 -12.39 -4.80
O4 SO4 H . -0.38 -10.64 -5.50
S SO4 I . 0.69 -16.88 -9.63
O1 SO4 I . -0.41 -16.72 -8.66
O2 SO4 I . 0.28 -17.64 -10.81
O3 SO4 I . 1.75 -17.60 -8.95
O4 SO4 I . 1.15 -15.63 -10.20
S SO4 J . -16.81 -5.19 -20.79
O1 SO4 J . -17.36 -4.78 -22.10
O2 SO4 J . -17.85 -5.55 -19.80
O3 SO4 J . -15.85 -6.29 -20.98
O4 SO4 J . -16.13 -4.04 -20.20
S SO4 K . -11.75 -10.16 -30.29
O1 SO4 K . -12.62 -11.05 -31.07
O2 SO4 K . -12.55 -9.64 -29.18
O3 SO4 K . -11.26 -9.05 -31.13
O4 SO4 K . -10.63 -10.96 -29.74
#